data_1WFH
#
_entry.id   1WFH
#
loop_
_entity.id
_entity.type
_entity.pdbx_description
1 polymer 'zinc finger (AN1-like) family protein'
2 non-polymer 'ZINC ION'
#
_entity_poly.entity_id   1
_entity_poly.type   'polypeptide(L)'
_entity_poly.pdbx_seq_one_letter_code
;GSSGSSGQPSPPQRPNRCTVCRKRVGLTGFMCRCGTTFCGSHRYPEVHGCTFDFKSAGSGPSSG
;
_entity_poly.pdbx_strand_id   A
#
loop_
_chem_comp.id
_chem_comp.type
_chem_comp.name
_chem_comp.formula
ZN non-polymer 'ZINC ION' 'Zn 2'
#
# COMPACT_ATOMS: atom_id res chain seq x y z
N GLY A 1 6.41 42.86 -1.70
CA GLY A 1 7.24 41.69 -1.45
C GLY A 1 7.36 40.78 -2.66
N SER A 2 8.54 40.75 -3.25
CA SER A 2 8.78 39.93 -4.44
C SER A 2 8.93 38.46 -4.05
N SER A 3 7.90 37.67 -4.31
CA SER A 3 7.91 36.26 -3.98
C SER A 3 7.34 35.42 -5.13
N GLY A 4 7.45 34.11 -5.01
CA GLY A 4 6.94 33.22 -6.04
C GLY A 4 6.50 31.88 -5.50
N SER A 5 7.35 31.28 -4.67
CA SER A 5 7.05 29.98 -4.08
C SER A 5 8.08 29.61 -3.02
N SER A 6 7.61 29.09 -1.89
CA SER A 6 8.49 28.70 -0.80
C SER A 6 8.52 27.19 -0.64
N GLY A 7 9.65 26.58 -1.00
CA GLY A 7 9.78 25.14 -0.89
C GLY A 7 10.66 24.55 -1.98
N GLN A 8 10.17 23.49 -2.63
CA GLN A 8 10.93 22.83 -3.69
C GLN A 8 10.01 22.00 -4.57
N PRO A 9 10.23 22.09 -5.89
CA PRO A 9 9.42 21.35 -6.88
C PRO A 9 9.69 19.85 -6.83
N SER A 10 9.07 19.18 -5.87
CA SER A 10 9.24 17.74 -5.71
C SER A 10 7.88 17.03 -5.71
N PRO A 11 7.28 16.90 -6.91
CA PRO A 11 5.98 16.25 -7.07
C PRO A 11 6.06 14.74 -6.84
N PRO A 12 4.97 14.16 -6.32
CA PRO A 12 4.89 12.73 -6.04
C PRO A 12 4.85 11.89 -7.31
N GLN A 13 6.03 11.62 -7.88
CA GLN A 13 6.12 10.83 -9.09
C GLN A 13 5.59 9.41 -8.88
N ARG A 14 6.37 8.60 -8.18
CA ARG A 14 5.99 7.22 -7.90
C ARG A 14 6.26 6.87 -6.44
N PRO A 15 5.69 7.68 -5.52
CA PRO A 15 5.85 7.47 -4.08
C PRO A 15 5.11 6.23 -3.58
N ASN A 16 5.84 5.34 -2.92
CA ASN A 16 5.26 4.11 -2.39
C ASN A 16 5.72 3.87 -0.96
N ARG A 17 4.76 3.54 -0.09
CA ARG A 17 5.06 3.27 1.31
C ARG A 17 4.42 1.97 1.76
N CYS A 18 5.21 1.14 2.43
CA CYS A 18 4.73 -0.15 2.92
C CYS A 18 3.48 0.03 3.79
N THR A 19 2.41 -0.69 3.44
CA THR A 19 1.16 -0.61 4.17
C THR A 19 1.26 -1.33 5.51
N VAL A 20 2.46 -1.79 5.84
CA VAL A 20 2.68 -2.51 7.09
C VAL A 20 3.61 -1.73 8.01
N CYS A 21 4.70 -1.20 7.45
CA CYS A 21 5.66 -0.42 8.21
C CYS A 21 5.97 0.91 7.53
N ARG A 22 5.39 1.09 6.34
CA ARG A 22 5.60 2.32 5.58
C ARG A 22 7.08 2.65 5.48
N LYS A 23 7.87 1.70 4.99
CA LYS A 23 9.30 1.89 4.83
C LYS A 23 9.63 2.58 3.52
N ARG A 24 8.61 3.18 2.90
CA ARG A 24 8.78 3.87 1.64
C ARG A 24 9.33 2.93 0.56
N VAL A 25 8.86 1.69 0.59
CA VAL A 25 9.30 0.69 -0.38
C VAL A 25 9.45 1.30 -1.77
N GLY A 26 10.31 0.69 -2.59
CA GLY A 26 10.53 1.19 -3.94
C GLY A 26 11.59 0.40 -4.67
N LEU A 27 12.84 0.57 -4.26
CA LEU A 27 13.96 -0.13 -4.88
C LEU A 27 13.60 -1.58 -5.18
N THR A 28 13.06 -2.27 -4.17
CA THR A 28 12.66 -3.67 -4.33
C THR A 28 11.28 -3.91 -3.73
N GLY A 29 10.40 -2.92 -3.86
CA GLY A 29 9.05 -3.06 -3.33
C GLY A 29 8.26 -4.14 -4.03
N PHE A 30 7.24 -4.65 -3.36
CA PHE A 30 6.39 -5.70 -3.93
C PHE A 30 4.91 -5.33 -3.81
N MET A 31 4.26 -5.18 -4.96
CA MET A 31 2.84 -4.83 -4.99
C MET A 31 1.97 -6.09 -4.94
N CYS A 32 1.48 -6.42 -3.75
CA CYS A 32 0.64 -7.59 -3.57
C CYS A 32 -0.47 -7.64 -4.62
N ARG A 33 -1.12 -8.79 -4.74
CA ARG A 33 -2.19 -8.95 -5.70
C ARG A 33 -3.43 -8.17 -5.28
N CYS A 34 -3.76 -8.23 -3.99
CA CYS A 34 -4.92 -7.53 -3.46
C CYS A 34 -4.96 -6.09 -3.97
N GLY A 35 -3.78 -5.50 -4.16
CA GLY A 35 -3.71 -4.13 -4.64
C GLY A 35 -3.00 -3.21 -3.67
N THR A 36 -1.95 -3.71 -3.03
CA THR A 36 -1.19 -2.93 -2.07
C THR A 36 0.30 -3.11 -2.27
N THR A 37 1.09 -2.27 -1.59
CA THR A 37 2.55 -2.35 -1.70
C THR A 37 3.19 -2.64 -0.34
N PHE A 38 4.11 -3.59 -0.33
CA PHE A 38 4.80 -3.98 0.90
C PHE A 38 6.30 -4.10 0.66
N CYS A 39 7.05 -4.35 1.74
CA CYS A 39 8.49 -4.49 1.66
C CYS A 39 8.89 -5.97 1.55
N GLY A 40 10.07 -6.22 1.01
CA GLY A 40 10.55 -7.58 0.86
C GLY A 40 10.32 -8.42 2.11
N SER A 41 10.16 -7.75 3.25
CA SER A 41 9.94 -8.44 4.51
C SER A 41 8.45 -8.64 4.76
N HIS A 42 7.64 -7.72 4.26
CA HIS A 42 6.18 -7.80 4.43
C HIS A 42 5.49 -8.00 3.09
N ARG A 43 6.21 -8.59 2.14
CA ARG A 43 5.65 -8.84 0.81
C ARG A 43 4.65 -9.99 0.84
N TYR A 44 4.81 -10.89 1.81
CA TYR A 44 3.91 -12.03 1.94
C TYR A 44 2.51 -11.58 2.35
N PRO A 45 1.49 -12.30 1.89
CA PRO A 45 0.09 -12.00 2.19
C PRO A 45 -0.26 -12.27 3.65
N GLU A 46 0.22 -13.40 4.17
CA GLU A 46 -0.04 -13.77 5.56
C GLU A 46 0.47 -12.70 6.51
N VAL A 47 1.63 -12.12 6.19
CA VAL A 47 2.23 -11.09 7.01
C VAL A 47 1.27 -9.92 7.22
N HIS A 48 0.68 -9.44 6.13
CA HIS A 48 -0.25 -8.33 6.18
C HIS A 48 -1.69 -8.83 6.04
N GLY A 49 -1.94 -10.04 6.53
CA GLY A 49 -3.27 -10.61 6.45
C GLY A 49 -3.99 -10.21 5.18
N CYS A 50 -3.54 -10.76 4.05
CA CYS A 50 -4.15 -10.47 2.76
C CYS A 50 -5.66 -10.63 2.82
N THR A 51 -6.38 -9.55 2.56
CA THR A 51 -7.84 -9.58 2.60
C THR A 51 -8.42 -9.39 1.19
N PHE A 52 -7.80 -10.03 0.21
CA PHE A 52 -8.25 -9.94 -1.17
C PHE A 52 -9.78 -9.84 -1.25
N ASP A 53 -10.27 -8.67 -1.62
CA ASP A 53 -11.71 -8.44 -1.73
C ASP A 53 -12.22 -8.83 -3.11
N PHE A 54 -12.93 -9.95 -3.18
CA PHE A 54 -13.47 -10.44 -4.45
C PHE A 54 -14.97 -10.19 -4.53
N LYS A 55 -15.53 -10.33 -5.73
CA LYS A 55 -16.96 -10.12 -5.94
C LYS A 55 -17.47 -8.95 -5.10
N SER A 56 -16.64 -7.91 -4.99
CA SER A 56 -17.01 -6.73 -4.22
C SER A 56 -17.07 -5.49 -5.11
N ALA A 57 -17.65 -5.66 -6.29
CA ALA A 57 -17.78 -4.56 -7.24
C ALA A 57 -18.82 -4.87 -8.32
N GLY A 58 -19.82 -4.01 -8.45
CA GLY A 58 -20.85 -4.22 -9.44
C GLY A 58 -20.99 -3.05 -10.39
N SER A 59 -19.89 -2.66 -11.02
CA SER A 59 -19.88 -1.55 -11.95
C SER A 59 -18.76 -1.69 -12.97
N GLY A 60 -18.85 -0.92 -14.05
CA GLY A 60 -17.85 -0.98 -15.10
C GLY A 60 -17.88 -2.28 -15.87
N PRO A 61 -17.37 -2.25 -17.11
CA PRO A 61 -17.34 -3.44 -17.98
C PRO A 61 -16.36 -4.49 -17.48
N SER A 62 -16.80 -5.74 -17.47
CA SER A 62 -15.95 -6.85 -17.02
C SER A 62 -14.82 -7.10 -18.00
N SER A 63 -13.91 -7.99 -17.63
CA SER A 63 -12.77 -8.33 -18.48
C SER A 63 -11.98 -9.49 -17.89
N GLY A 64 -11.05 -10.03 -18.68
CA GLY A 64 -10.24 -11.13 -18.22
C GLY A 64 -8.83 -11.11 -18.81
ZN ZN B . 7.05 -3.38 5.64
ZN ZN C . -2.31 -8.95 -0.13
N GLY A 1 -0.08 41.12 -1.62
CA GLY A 1 -0.74 39.95 -1.06
C GLY A 1 -0.50 38.71 -1.89
N SER A 2 0.68 38.12 -1.74
CA SER A 2 1.02 36.91 -2.48
C SER A 2 0.83 35.66 -1.62
N SER A 3 0.56 34.54 -2.27
CA SER A 3 0.34 33.28 -1.57
C SER A 3 1.32 33.13 -0.40
N GLY A 4 2.55 33.59 -0.60
CA GLY A 4 3.56 33.50 0.43
C GLY A 4 4.65 32.51 0.09
N SER A 5 5.54 32.27 1.05
CA SER A 5 6.65 31.34 0.85
C SER A 5 6.18 30.10 0.09
N SER A 6 6.80 29.86 -1.07
CA SER A 6 6.45 28.71 -1.89
C SER A 6 7.70 28.08 -2.50
N GLY A 7 7.62 26.78 -2.81
CA GLY A 7 8.75 26.10 -3.40
C GLY A 7 9.18 24.89 -2.60
N GLN A 8 8.75 23.71 -3.02
CA GLN A 8 9.09 22.47 -2.32
C GLN A 8 9.77 21.49 -3.26
N PRO A 9 11.12 21.43 -3.19
CA PRO A 9 11.92 20.55 -4.04
C PRO A 9 11.75 19.09 -3.65
N SER A 10 12.15 18.18 -4.55
CA SER A 10 12.04 16.75 -4.32
C SER A 10 10.67 16.41 -3.72
N PRO A 11 9.60 16.87 -4.38
CA PRO A 11 8.23 16.62 -3.94
C PRO A 11 7.82 15.17 -4.10
N PRO A 12 7.06 14.65 -3.12
CA PRO A 12 6.59 13.26 -3.14
C PRO A 12 5.54 13.02 -4.22
N GLN A 13 5.99 12.72 -5.42
CA GLN A 13 5.10 12.47 -6.55
C GLN A 13 4.26 11.23 -6.29
N ARG A 14 4.88 10.05 -6.42
CA ARG A 14 4.18 8.79 -6.21
C ARG A 14 5.03 7.84 -5.37
N PRO A 15 5.43 8.30 -4.18
CA PRO A 15 6.25 7.51 -3.26
C PRO A 15 5.47 6.35 -2.64
N ASN A 16 5.88 5.13 -2.98
CA ASN A 16 5.23 3.93 -2.47
C ASN A 16 5.71 3.62 -1.05
N ARG A 17 4.78 3.60 -0.11
CA ARG A 17 5.10 3.31 1.28
C ARG A 17 4.44 2.01 1.74
N CYS A 18 5.21 1.16 2.40
CA CYS A 18 4.70 -0.11 2.90
C CYS A 18 3.45 0.10 3.76
N THR A 19 2.39 -0.62 3.44
CA THR A 19 1.14 -0.51 4.18
C THR A 19 1.23 -1.26 5.52
N VAL A 20 2.44 -1.69 5.86
CA VAL A 20 2.66 -2.41 7.11
C VAL A 20 3.64 -1.67 8.01
N CYS A 21 4.73 -1.19 7.41
CA CYS A 21 5.75 -0.45 8.16
C CYS A 21 6.02 0.90 7.52
N ARG A 22 5.44 1.12 6.34
CA ARG A 22 5.63 2.37 5.63
C ARG A 22 7.11 2.71 5.47
N LYS A 23 7.86 1.77 4.90
CA LYS A 23 9.29 1.95 4.70
C LYS A 23 9.57 2.53 3.32
N ARG A 24 8.70 3.43 2.86
CA ARG A 24 8.86 4.05 1.56
C ARG A 24 9.45 3.07 0.54
N VAL A 25 8.94 1.84 0.56
CA VAL A 25 9.42 0.80 -0.34
C VAL A 25 9.57 1.34 -1.76
N GLY A 26 10.81 1.37 -2.25
CA GLY A 26 11.06 1.86 -3.59
C GLY A 26 11.85 0.87 -4.43
N LEU A 27 13.01 0.46 -3.93
CA LEU A 27 13.86 -0.48 -4.65
C LEU A 27 13.33 -1.90 -4.50
N THR A 28 12.87 -2.24 -3.30
CA THR A 28 12.34 -3.57 -3.04
C THR A 28 10.85 -3.51 -2.73
N GLY A 29 10.10 -2.77 -3.56
CA GLY A 29 8.67 -2.65 -3.36
C GLY A 29 7.90 -3.76 -4.04
N PHE A 30 7.19 -4.56 -3.25
CA PHE A 30 6.40 -5.67 -3.78
C PHE A 30 4.92 -5.36 -3.70
N MET A 31 4.30 -5.11 -4.85
CA MET A 31 2.88 -4.81 -4.91
C MET A 31 2.04 -6.09 -4.88
N CYS A 32 1.51 -6.43 -3.72
CA CYS A 32 0.69 -7.62 -3.57
C CYS A 32 -0.42 -7.66 -4.61
N ARG A 33 -1.13 -8.78 -4.67
CA ARG A 33 -2.22 -8.94 -5.62
C ARG A 33 -3.44 -8.13 -5.19
N CYS A 34 -3.79 -8.23 -3.91
CA CYS A 34 -4.93 -7.51 -3.37
C CYS A 34 -4.98 -6.09 -3.92
N GLY A 35 -3.81 -5.48 -4.10
CA GLY A 35 -3.74 -4.12 -4.63
C GLY A 35 -3.02 -3.19 -3.68
N THR A 36 -2.04 -3.71 -2.95
CA THR A 36 -1.28 -2.91 -2.00
C THR A 36 0.22 -3.10 -2.20
N THR A 37 1.00 -2.33 -1.45
CA THR A 37 2.46 -2.42 -1.55
C THR A 37 3.08 -2.71 -0.19
N PHE A 38 4.08 -3.59 -0.18
CA PHE A 38 4.76 -3.97 1.06
C PHE A 38 6.27 -4.07 0.84
N CYS A 39 7.01 -4.28 1.92
CA CYS A 39 8.45 -4.41 1.84
C CYS A 39 8.87 -5.86 1.63
N GLY A 40 10.16 -6.08 1.45
CA GLY A 40 10.66 -7.43 1.24
C GLY A 40 10.38 -8.35 2.42
N SER A 41 10.10 -7.75 3.57
CA SER A 41 9.82 -8.52 4.78
C SER A 41 8.31 -8.71 4.96
N HIS A 42 7.54 -7.77 4.42
CA HIS A 42 6.08 -7.83 4.53
C HIS A 42 5.44 -7.99 3.15
N ARG A 43 6.21 -8.55 2.21
CA ARG A 43 5.72 -8.77 0.85
C ARG A 43 4.71 -9.91 0.83
N TYR A 44 4.89 -10.89 1.71
CA TYR A 44 4.00 -12.04 1.78
C TYR A 44 2.59 -11.61 2.19
N PRO A 45 1.59 -12.35 1.71
CA PRO A 45 0.18 -12.08 2.02
C PRO A 45 -0.17 -12.37 3.48
N GLU A 46 0.33 -13.49 3.99
CA GLU A 46 0.07 -13.89 5.36
C GLU A 46 0.52 -12.80 6.33
N VAL A 47 1.67 -12.20 6.04
CA VAL A 47 2.22 -11.14 6.89
C VAL A 47 1.21 -10.01 7.08
N HIS A 48 0.65 -9.53 5.98
CA HIS A 48 -0.33 -8.45 6.02
C HIS A 48 -1.74 -9.00 5.86
N GLY A 49 -1.99 -10.19 6.40
CA GLY A 49 -3.29 -10.80 6.30
C GLY A 49 -4.00 -10.46 5.00
N CYS A 50 -3.46 -10.95 3.89
CA CYS A 50 -4.04 -10.69 2.58
C CYS A 50 -5.52 -11.06 2.55
N THR A 51 -6.29 -10.36 1.73
CA THR A 51 -7.72 -10.61 1.61
C THR A 51 -8.16 -10.63 0.15
N PHE A 52 -8.45 -11.81 -0.36
CA PHE A 52 -8.88 -11.97 -1.74
C PHE A 52 -10.34 -11.57 -1.91
N ASP A 53 -10.68 -11.03 -3.07
CA ASP A 53 -12.05 -10.61 -3.36
C ASP A 53 -12.91 -11.80 -3.73
N PHE A 54 -13.38 -12.53 -2.72
CA PHE A 54 -14.23 -13.70 -2.94
C PHE A 54 -15.22 -13.44 -4.07
N LYS A 55 -15.03 -14.13 -5.19
CA LYS A 55 -15.91 -13.98 -6.35
C LYS A 55 -16.98 -15.07 -6.35
N SER A 56 -18.10 -14.80 -5.69
CA SER A 56 -19.20 -15.76 -5.62
C SER A 56 -19.97 -15.80 -6.93
N ALA A 57 -20.71 -16.88 -7.15
CA ALA A 57 -21.49 -17.03 -8.36
C ALA A 57 -22.98 -16.75 -8.10
N GLY A 58 -23.38 -15.51 -8.33
CA GLY A 58 -24.77 -15.13 -8.12
C GLY A 58 -25.27 -14.14 -9.16
N SER A 59 -25.63 -12.94 -8.70
CA SER A 59 -26.13 -11.91 -9.59
C SER A 59 -25.29 -10.64 -9.48
N GLY A 60 -24.90 -10.09 -10.61
CA GLY A 60 -24.10 -8.88 -10.62
C GLY A 60 -24.83 -7.70 -11.24
N PRO A 61 -24.74 -6.54 -10.59
CA PRO A 61 -25.39 -5.31 -11.05
C PRO A 61 -24.75 -4.76 -12.32
N SER A 62 -25.57 -4.29 -13.24
CA SER A 62 -25.08 -3.74 -14.50
C SER A 62 -24.76 -2.25 -14.36
N SER A 63 -23.51 -1.96 -14.02
CA SER A 63 -23.07 -0.57 -13.84
C SER A 63 -23.17 0.19 -15.15
N GLY A 64 -22.70 -0.43 -16.23
CA GLY A 64 -22.74 0.21 -17.54
C GLY A 64 -24.05 0.93 -17.79
ZN ZN B . 6.89 -3.40 5.68
ZN ZN C . -2.21 -8.95 -0.26
N GLY A 1 21.11 43.26 -5.17
CA GLY A 1 22.02 42.15 -5.37
C GLY A 1 21.43 41.06 -6.23
N SER A 2 22.29 40.24 -6.82
CA SER A 2 21.85 39.15 -7.68
C SER A 2 22.29 37.80 -7.12
N SER A 3 21.40 37.16 -6.37
CA SER A 3 21.71 35.86 -5.77
C SER A 3 21.24 34.72 -6.68
N GLY A 4 21.76 33.52 -6.43
CA GLY A 4 21.40 32.37 -7.23
C GLY A 4 20.38 31.49 -6.54
N SER A 5 19.38 31.04 -7.29
CA SER A 5 18.33 30.18 -6.74
C SER A 5 18.90 28.81 -6.37
N SER A 6 18.77 28.45 -5.11
CA SER A 6 19.27 27.16 -4.63
C SER A 6 18.15 26.34 -4.02
N GLY A 7 17.44 25.59 -4.87
CA GLY A 7 16.34 24.76 -4.40
C GLY A 7 15.95 23.69 -5.39
N GLN A 8 16.18 22.43 -5.03
CA GLN A 8 15.85 21.32 -5.90
C GLN A 8 14.64 20.55 -5.37
N PRO A 9 13.44 21.10 -5.59
CA PRO A 9 12.20 20.49 -5.14
C PRO A 9 11.86 19.23 -5.92
N SER A 10 11.64 18.13 -5.20
CA SER A 10 11.31 16.85 -5.83
C SER A 10 9.89 16.43 -5.47
N PRO A 11 8.98 16.53 -6.46
CA PRO A 11 7.57 16.17 -6.29
C PRO A 11 7.38 14.66 -6.14
N PRO A 12 6.43 14.27 -5.28
CA PRO A 12 6.13 12.85 -5.02
C PRO A 12 5.46 12.19 -6.21
N GLN A 13 6.26 11.78 -7.18
CA GLN A 13 5.74 11.12 -8.38
C GLN A 13 4.98 9.85 -8.02
N ARG A 14 5.71 8.80 -7.67
CA ARG A 14 5.10 7.53 -7.30
C ARG A 14 5.76 6.96 -6.05
N PRO A 15 5.75 7.74 -4.95
CA PRO A 15 6.34 7.33 -3.69
C PRO A 15 5.55 6.22 -3.00
N ASN A 16 6.03 4.98 -3.15
CA ASN A 16 5.36 3.83 -2.55
C ASN A 16 5.77 3.67 -1.10
N ARG A 17 4.80 3.37 -0.24
CA ARG A 17 5.07 3.18 1.18
C ARG A 17 4.42 1.89 1.69
N CYS A 18 5.21 1.06 2.35
CA CYS A 18 4.72 -0.20 2.89
C CYS A 18 3.47 0.01 3.73
N THR A 19 2.39 -0.68 3.39
CA THR A 19 1.14 -0.57 4.11
C THR A 19 1.21 -1.26 5.47
N VAL A 20 2.40 -1.74 5.81
CA VAL A 20 2.62 -2.43 7.08
C VAL A 20 3.56 -1.65 7.98
N CYS A 21 4.64 -1.13 7.38
CA CYS A 21 5.62 -0.36 8.14
C CYS A 21 5.89 0.98 7.46
N ARG A 22 5.32 1.17 6.27
CA ARG A 22 5.50 2.40 5.52
C ARG A 22 6.98 2.75 5.40
N LYS A 23 7.76 1.81 4.88
CA LYS A 23 9.19 2.02 4.70
C LYS A 23 9.50 2.58 3.32
N ARG A 24 8.63 3.47 2.84
CA ARG A 24 8.81 4.07 1.53
C ARG A 24 9.45 3.09 0.55
N VAL A 25 9.03 1.84 0.62
CA VAL A 25 9.55 0.80 -0.25
C VAL A 25 9.86 1.36 -1.63
N GLY A 26 9.06 2.33 -2.08
CA GLY A 26 9.26 2.93 -3.38
C GLY A 26 9.34 1.89 -4.49
N LEU A 27 9.95 2.27 -5.60
CA LEU A 27 10.10 1.37 -6.74
C LEU A 27 10.61 0.01 -6.30
N THR A 28 11.52 0.01 -5.33
CA THR A 28 12.09 -1.23 -4.82
C THR A 28 11.14 -1.90 -3.84
N GLY A 29 9.87 -1.99 -4.20
CA GLY A 29 8.88 -2.60 -3.34
C GLY A 29 8.11 -3.71 -4.04
N PHE A 30 7.17 -4.31 -3.31
CA PHE A 30 6.36 -5.38 -3.89
C PHE A 30 4.87 -5.07 -3.75
N MET A 31 4.18 -5.00 -4.89
CA MET A 31 2.75 -4.71 -4.91
C MET A 31 1.94 -5.99 -4.89
N CYS A 32 1.44 -6.37 -3.72
CA CYS A 32 0.64 -7.58 -3.57
C CYS A 32 -0.49 -7.61 -4.60
N ARG A 33 -1.16 -8.75 -4.69
CA ARG A 33 -2.27 -8.90 -5.63
C ARG A 33 -3.50 -8.13 -5.15
N CYS A 34 -3.81 -8.24 -3.87
CA CYS A 34 -4.96 -7.56 -3.29
C CYS A 34 -5.06 -6.13 -3.81
N GLY A 35 -3.90 -5.52 -4.06
CA GLY A 35 -3.87 -4.15 -4.55
C GLY A 35 -3.14 -3.21 -3.61
N THR A 36 -2.15 -3.74 -2.90
CA THR A 36 -1.37 -2.94 -1.96
C THR A 36 0.12 -3.12 -2.18
N THR A 37 0.92 -2.40 -1.41
CA THR A 37 2.38 -2.50 -1.52
C THR A 37 3.02 -2.77 -0.17
N PHE A 38 4.03 -3.63 -0.16
CA PHE A 38 4.72 -3.97 1.07
C PHE A 38 6.23 -4.03 0.84
N CYS A 39 6.98 -4.29 1.91
CA CYS A 39 8.43 -4.39 1.83
C CYS A 39 8.88 -5.84 1.63
N GLY A 40 10.18 -6.02 1.44
CA GLY A 40 10.72 -7.35 1.23
C GLY A 40 10.45 -8.27 2.41
N SER A 41 10.14 -7.68 3.56
CA SER A 41 9.88 -8.45 4.77
C SER A 41 8.37 -8.65 4.97
N HIS A 42 7.59 -7.73 4.40
CA HIS A 42 6.14 -7.79 4.51
C HIS A 42 5.49 -8.00 3.15
N ARG A 43 6.25 -8.54 2.22
CA ARG A 43 5.76 -8.79 0.86
C ARG A 43 4.79 -9.96 0.84
N TYR A 44 4.96 -10.88 1.79
CA TYR A 44 4.09 -12.05 1.88
C TYR A 44 2.66 -11.65 2.25
N PRO A 45 1.69 -12.41 1.73
CA PRO A 45 0.27 -12.15 1.98
C PRO A 45 -0.13 -12.45 3.42
N GLU A 46 0.37 -13.57 3.94
CA GLU A 46 0.06 -13.97 5.31
C GLU A 46 0.50 -12.90 6.30
N VAL A 47 1.67 -12.30 6.05
CA VAL A 47 2.19 -11.26 6.92
C VAL A 47 1.19 -10.13 7.10
N HIS A 48 0.69 -9.60 5.98
CA HIS A 48 -0.28 -8.51 6.01
C HIS A 48 -1.70 -9.04 5.83
N GLY A 49 -1.93 -10.26 6.34
CA GLY A 49 -3.25 -10.86 6.23
C GLY A 49 -3.95 -10.49 4.94
N CYS A 50 -3.45 -11.00 3.82
CA CYS A 50 -4.03 -10.72 2.52
C CYS A 50 -5.54 -10.91 2.54
N THR A 51 -6.25 -10.06 1.79
CA THR A 51 -7.70 -10.13 1.73
C THR A 51 -8.17 -10.97 0.55
N PHE A 52 -7.52 -10.77 -0.60
CA PHE A 52 -7.87 -11.50 -1.81
C PHE A 52 -7.39 -12.95 -1.72
N ASP A 53 -8.34 -13.88 -1.70
CA ASP A 53 -8.01 -15.29 -1.61
C ASP A 53 -8.79 -16.09 -2.66
N PHE A 54 -8.85 -15.56 -3.87
CA PHE A 54 -9.56 -16.23 -4.97
C PHE A 54 -8.61 -16.60 -6.10
N LYS A 55 -7.86 -17.68 -5.91
CA LYS A 55 -6.92 -18.14 -6.91
C LYS A 55 -7.55 -19.20 -7.81
N SER A 56 -7.98 -18.78 -9.00
CA SER A 56 -8.60 -19.70 -9.95
C SER A 56 -7.70 -20.89 -10.23
N ALA A 57 -6.38 -20.65 -10.21
CA ALA A 57 -5.42 -21.70 -10.46
C ALA A 57 -5.42 -22.73 -9.34
N GLY A 58 -5.85 -23.95 -9.66
CA GLY A 58 -5.90 -25.01 -8.67
C GLY A 58 -5.09 -26.22 -9.08
N SER A 59 -5.30 -27.34 -8.39
CA SER A 59 -4.58 -28.56 -8.68
C SER A 59 -4.35 -28.72 -10.18
N GLY A 60 -3.18 -29.24 -10.55
CA GLY A 60 -2.86 -29.42 -11.95
C GLY A 60 -1.92 -30.59 -12.18
N PRO A 61 -2.50 -31.79 -12.33
CA PRO A 61 -1.74 -33.02 -12.56
C PRO A 61 -1.08 -33.05 -13.93
N SER A 62 0.21 -32.74 -13.97
CA SER A 62 0.95 -32.73 -15.23
C SER A 62 2.27 -33.49 -15.10
N SER A 63 2.28 -34.73 -15.54
CA SER A 63 3.47 -35.57 -15.46
C SER A 63 4.38 -35.34 -16.68
N GLY A 64 5.67 -35.20 -16.43
CA GLY A 64 6.62 -34.99 -17.50
C GLY A 64 7.96 -34.47 -17.01
ZN ZN B . 6.98 -3.36 5.73
ZN ZN C . -2.25 -9.08 -0.25
N GLY A 1 -6.09 28.28 19.13
CA GLY A 1 -4.68 28.48 18.85
C GLY A 1 -4.44 29.66 17.93
N SER A 2 -3.27 30.28 18.08
CA SER A 2 -2.91 31.43 17.25
C SER A 2 -2.43 30.99 15.87
N SER A 3 -1.38 30.17 15.86
CA SER A 3 -0.82 29.68 14.61
C SER A 3 -1.06 28.18 14.46
N GLY A 4 -0.92 27.68 13.23
CA GLY A 4 -1.12 26.27 12.98
C GLY A 4 -0.74 25.87 11.57
N SER A 5 -0.10 24.71 11.43
CA SER A 5 0.33 24.21 10.13
C SER A 5 0.57 22.71 10.17
N SER A 6 -0.27 21.96 9.48
CA SER A 6 -0.16 20.50 9.44
C SER A 6 0.08 20.02 8.01
N GLY A 7 0.78 18.89 7.89
CA GLY A 7 1.06 18.35 6.57
C GLY A 7 1.96 19.24 5.75
N GLN A 8 3.27 19.12 5.97
CA GLN A 8 4.23 19.93 5.24
C GLN A 8 3.79 20.14 3.80
N PRO A 9 3.96 21.38 3.30
CA PRO A 9 3.58 21.73 1.93
C PRO A 9 4.50 21.09 0.88
N SER A 10 4.01 20.05 0.23
CA SER A 10 4.79 19.35 -0.79
C SER A 10 3.88 18.45 -1.63
N PRO A 11 4.06 18.52 -2.96
CA PRO A 11 3.28 17.71 -3.90
C PRO A 11 3.64 16.23 -3.84
N PRO A 12 2.62 15.39 -3.65
CA PRO A 12 2.79 13.93 -3.56
C PRO A 12 3.19 13.31 -4.89
N GLN A 13 4.45 12.92 -5.02
CA GLN A 13 4.96 12.31 -6.24
C GLN A 13 4.78 10.80 -6.21
N ARG A 14 3.66 10.35 -5.67
CA ARG A 14 3.38 8.91 -5.58
C ARG A 14 4.42 8.21 -4.71
N PRO A 15 4.59 8.70 -3.48
CA PRO A 15 5.55 8.14 -2.53
C PRO A 15 5.14 6.75 -2.03
N ASN A 16 5.64 5.72 -2.68
CA ASN A 16 5.33 4.35 -2.30
C ASN A 16 5.83 4.04 -0.89
N ARG A 17 4.94 3.52 -0.05
CA ARG A 17 5.29 3.19 1.33
C ARG A 17 4.60 1.90 1.77
N CYS A 18 5.36 1.01 2.38
CA CYS A 18 4.82 -0.27 2.85
C CYS A 18 3.54 -0.05 3.66
N THR A 19 2.49 -0.79 3.30
CA THR A 19 1.22 -0.67 3.99
C THR A 19 1.26 -1.37 5.34
N VAL A 20 2.45 -1.81 5.74
CA VAL A 20 2.63 -2.49 7.02
C VAL A 20 3.54 -1.69 7.95
N CYS A 21 4.68 -1.27 7.43
CA CYS A 21 5.64 -0.49 8.21
C CYS A 21 5.96 0.83 7.51
N ARG A 22 5.40 1.01 6.32
CA ARG A 22 5.62 2.23 5.56
C ARG A 22 7.12 2.55 5.48
N LYS A 23 7.90 1.59 5.00
CA LYS A 23 9.34 1.77 4.87
C LYS A 23 9.70 2.44 3.55
N ARG A 24 8.74 3.16 2.98
CA ARG A 24 8.94 3.86 1.72
C ARG A 24 9.50 2.90 0.67
N VAL A 25 8.81 1.79 0.44
CA VAL A 25 9.24 0.80 -0.53
C VAL A 25 9.40 1.43 -1.92
N GLY A 26 10.62 1.35 -2.46
CA GLY A 26 10.88 1.91 -3.77
C GLY A 26 10.72 0.89 -4.88
N LEU A 27 11.49 1.07 -5.96
CA LEU A 27 11.42 0.16 -7.09
C LEU A 27 11.30 -1.29 -6.63
N THR A 28 12.24 -1.71 -5.79
CA THR A 28 12.24 -3.07 -5.27
C THR A 28 10.91 -3.42 -4.63
N GLY A 29 10.28 -2.41 -4.01
CA GLY A 29 9.00 -2.63 -3.36
C GLY A 29 8.12 -3.60 -4.11
N PHE A 30 7.40 -4.44 -3.38
CA PHE A 30 6.53 -5.44 -3.99
C PHE A 30 5.07 -5.00 -3.90
N MET A 31 4.28 -5.39 -4.90
CA MET A 31 2.86 -5.03 -4.93
C MET A 31 1.99 -6.28 -4.89
N CYS A 32 1.40 -6.55 -3.72
CA CYS A 32 0.54 -7.71 -3.54
C CYS A 32 -0.57 -7.73 -4.58
N ARG A 33 -1.28 -8.85 -4.67
CA ARG A 33 -2.37 -9.00 -5.63
C ARG A 33 -3.58 -8.18 -5.21
N CYS A 34 -3.90 -8.24 -3.92
CA CYS A 34 -5.04 -7.49 -3.39
C CYS A 34 -5.05 -6.06 -3.91
N GLY A 35 -3.86 -5.49 -4.10
CA GLY A 35 -3.75 -4.14 -4.59
C GLY A 35 -3.05 -3.22 -3.62
N THR A 36 -2.02 -3.74 -2.95
CA THR A 36 -1.27 -2.96 -1.97
C THR A 36 0.24 -3.13 -2.18
N THR A 37 1.02 -2.24 -1.58
CA THR A 37 2.47 -2.29 -1.71
C THR A 37 3.12 -2.57 -0.36
N PHE A 38 4.01 -3.56 -0.33
CA PHE A 38 4.70 -3.93 0.90
C PHE A 38 6.21 -4.02 0.67
N CYS A 39 6.95 -4.38 1.71
CA CYS A 39 8.39 -4.50 1.63
C CYS A 39 8.82 -5.96 1.63
N GLY A 40 10.06 -6.21 1.25
CA GLY A 40 10.57 -7.57 1.21
C GLY A 40 10.32 -8.32 2.50
N SER A 41 10.08 -7.57 3.58
CA SER A 41 9.82 -8.18 4.89
C SER A 41 8.33 -8.41 5.09
N HIS A 42 7.51 -7.62 4.40
CA HIS A 42 6.06 -7.74 4.51
C HIS A 42 5.43 -7.94 3.13
N ARG A 43 6.20 -8.48 2.20
CA ARG A 43 5.72 -8.72 0.84
C ARG A 43 4.73 -9.88 0.82
N TYR A 44 4.87 -10.80 1.77
CA TYR A 44 3.99 -11.96 1.85
C TYR A 44 2.59 -11.55 2.28
N PRO A 45 1.58 -12.30 1.79
CA PRO A 45 0.18 -12.02 2.11
C PRO A 45 -0.16 -12.35 3.55
N GLU A 46 0.32 -13.49 4.03
CA GLU A 46 0.07 -13.92 5.39
C GLU A 46 0.55 -12.87 6.39
N VAL A 47 1.66 -12.23 6.07
CA VAL A 47 2.22 -11.19 6.94
C VAL A 47 1.21 -10.07 7.18
N HIS A 48 0.68 -9.52 6.09
CA HIS A 48 -0.30 -8.45 6.17
C HIS A 48 -1.72 -8.98 6.02
N GLY A 49 -1.95 -10.20 6.50
CA GLY A 49 -3.25 -10.81 6.40
C GLY A 49 -3.99 -10.42 5.14
N CYS A 50 -3.45 -10.83 3.99
CA CYS A 50 -4.06 -10.52 2.70
C CYS A 50 -5.57 -10.65 2.76
N THR A 51 -6.26 -10.00 1.83
CA THR A 51 -7.72 -10.05 1.78
C THR A 51 -8.23 -11.41 2.23
N PHE A 52 -7.67 -12.48 1.66
CA PHE A 52 -8.09 -13.83 2.01
C PHE A 52 -8.21 -13.99 3.52
N ASP A 53 -9.44 -14.23 3.98
CA ASP A 53 -9.71 -14.40 5.40
C ASP A 53 -9.48 -15.85 5.83
N PHE A 54 -8.67 -16.03 6.86
CA PHE A 54 -8.37 -17.38 7.36
C PHE A 54 -8.73 -17.49 8.84
N LYS A 55 -10.03 -17.60 9.12
CA LYS A 55 -10.50 -17.73 10.49
C LYS A 55 -10.65 -19.19 10.88
N SER A 56 -9.91 -19.61 11.91
CA SER A 56 -9.96 -20.99 12.39
C SER A 56 -11.19 -21.21 13.25
N ALA A 57 -12.16 -21.93 12.71
CA ALA A 57 -13.39 -22.23 13.43
C ALA A 57 -13.12 -23.11 14.64
N GLY A 58 -13.59 -22.67 15.81
CA GLY A 58 -13.38 -23.44 17.03
C GLY A 58 -14.21 -22.91 18.19
N SER A 59 -13.56 -22.69 19.33
CA SER A 59 -14.25 -22.20 20.51
C SER A 59 -13.82 -20.76 20.83
N GLY A 60 -14.72 -19.82 20.55
CA GLY A 60 -14.43 -18.42 20.82
C GLY A 60 -14.58 -18.06 22.28
N PRO A 61 -14.17 -16.84 22.64
CA PRO A 61 -14.25 -16.34 24.02
C PRO A 61 -15.69 -16.09 24.46
N SER A 62 -16.09 -16.77 25.53
CA SER A 62 -17.45 -16.62 26.05
C SER A 62 -17.50 -15.55 27.13
N SER A 63 -17.64 -14.29 26.71
CA SER A 63 -17.70 -13.18 27.65
C SER A 63 -19.15 -12.87 28.03
N GLY A 64 -19.32 -11.94 28.97
CA GLY A 64 -20.65 -11.57 29.41
C GLY A 64 -21.30 -10.55 28.50
ZN ZN B . 7.02 -3.39 5.63
ZN ZN C . -2.39 -8.92 -0.15
N GLY A 1 -13.92 39.22 9.99
CA GLY A 1 -13.80 38.00 9.22
C GLY A 1 -13.18 36.87 10.02
N SER A 2 -12.15 36.25 9.47
CA SER A 2 -11.47 35.15 10.14
C SER A 2 -10.02 35.02 9.67
N SER A 3 -9.19 34.43 10.50
CA SER A 3 -7.78 34.24 10.17
C SER A 3 -7.60 33.21 9.07
N GLY A 4 -8.29 32.08 9.20
CA GLY A 4 -8.19 31.03 8.21
C GLY A 4 -7.34 29.88 8.67
N SER A 5 -7.55 28.70 8.09
CA SER A 5 -6.79 27.51 8.44
C SER A 5 -5.31 27.72 8.16
N SER A 6 -4.48 27.44 9.17
CA SER A 6 -3.04 27.60 9.03
C SER A 6 -2.37 26.26 8.76
N GLY A 7 -1.48 26.24 7.77
CA GLY A 7 -0.78 25.01 7.43
C GLY A 7 -1.47 24.26 6.31
N GLN A 8 -0.75 24.05 5.21
CA GLN A 8 -1.28 23.33 4.06
C GLN A 8 -0.47 22.08 3.76
N PRO A 9 -1.16 20.95 3.59
CA PRO A 9 -0.52 19.66 3.30
C PRO A 9 0.08 19.62 1.90
N SER A 10 1.38 19.37 1.82
CA SER A 10 2.08 19.30 0.54
C SER A 10 1.57 18.14 -0.30
N PRO A 11 1.49 18.34 -1.62
CA PRO A 11 1.01 17.32 -2.55
C PRO A 11 2.01 16.18 -2.70
N PRO A 12 1.59 14.98 -2.26
CA PRO A 12 2.43 13.77 -2.34
C PRO A 12 2.62 13.29 -3.77
N GLN A 13 3.88 13.08 -4.15
CA GLN A 13 4.20 12.62 -5.50
C GLN A 13 4.07 11.10 -5.59
N ARG A 14 2.93 10.58 -5.14
CA ARG A 14 2.69 9.15 -5.18
C ARG A 14 3.76 8.39 -4.41
N PRO A 15 3.97 8.79 -3.13
CA PRO A 15 4.97 8.16 -2.26
C PRO A 15 4.56 6.75 -1.85
N ASN A 16 5.09 5.76 -2.56
CA ASN A 16 4.78 4.36 -2.28
C ASN A 16 5.45 3.92 -0.98
N ARG A 17 4.66 3.77 0.07
CA ARG A 17 5.18 3.35 1.37
C ARG A 17 4.48 2.08 1.85
N CYS A 18 5.27 1.12 2.33
CA CYS A 18 4.73 -0.14 2.81
C CYS A 18 3.49 0.10 3.68
N THR A 19 2.39 -0.59 3.34
CA THR A 19 1.15 -0.45 4.08
C THR A 19 1.23 -1.17 5.43
N VAL A 20 2.41 -1.67 5.75
CA VAL A 20 2.62 -2.38 7.01
C VAL A 20 3.60 -1.63 7.91
N CYS A 21 4.71 -1.18 7.32
CA CYS A 21 5.72 -0.45 8.06
C CYS A 21 6.02 0.89 7.40
N ARG A 22 5.44 1.10 6.22
CA ARG A 22 5.65 2.34 5.49
C ARG A 22 7.13 2.69 5.39
N LYS A 23 7.92 1.75 4.87
CA LYS A 23 9.36 1.94 4.72
C LYS A 23 9.68 2.57 3.37
N ARG A 24 8.71 3.29 2.81
CA ARG A 24 8.90 3.93 1.52
C ARG A 24 9.58 2.99 0.53
N VAL A 25 9.08 1.76 0.45
CA VAL A 25 9.65 0.76 -0.46
C VAL A 25 10.07 1.39 -1.78
N GLY A 26 9.42 2.51 -2.13
CA GLY A 26 9.74 3.19 -3.38
C GLY A 26 9.08 2.55 -4.58
N LEU A 27 9.59 2.86 -5.77
CA LEU A 27 9.04 2.30 -7.00
C LEU A 27 9.36 0.81 -7.12
N THR A 28 10.54 0.44 -6.65
CA THR A 28 10.96 -0.96 -6.71
C THR A 28 10.44 -1.75 -5.52
N GLY A 29 9.16 -1.54 -5.21
CA GLY A 29 8.56 -2.25 -4.08
C GLY A 29 7.79 -3.48 -4.52
N PHE A 30 7.08 -4.10 -3.57
CA PHE A 30 6.31 -5.30 -3.86
C PHE A 30 4.81 -5.03 -3.72
N MET A 31 4.13 -4.87 -4.85
CA MET A 31 2.70 -4.60 -4.85
C MET A 31 1.90 -5.91 -4.88
N CYS A 32 1.49 -6.35 -3.70
CA CYS A 32 0.71 -7.59 -3.59
C CYS A 32 -0.39 -7.64 -4.64
N ARG A 33 -1.03 -8.79 -4.75
CA ARG A 33 -2.11 -8.98 -5.72
C ARG A 33 -3.39 -8.27 -5.24
N CYS A 34 -3.68 -8.40 -3.96
CA CYS A 34 -4.87 -7.78 -3.38
C CYS A 34 -5.02 -6.33 -3.85
N GLY A 35 -3.88 -5.69 -4.11
CA GLY A 35 -3.89 -4.31 -4.55
C GLY A 35 -3.24 -3.37 -3.56
N THR A 36 -2.19 -3.85 -2.89
CA THR A 36 -1.48 -3.04 -1.91
C THR A 36 0.03 -3.14 -2.09
N THR A 37 0.76 -2.26 -1.43
CA THR A 37 2.22 -2.25 -1.52
C THR A 37 2.85 -2.59 -0.17
N PHE A 38 3.83 -3.49 -0.20
CA PHE A 38 4.52 -3.90 1.02
C PHE A 38 6.02 -3.97 0.80
N CYS A 39 6.77 -4.29 1.85
CA CYS A 39 8.21 -4.39 1.77
C CYS A 39 8.65 -5.86 1.71
N GLY A 40 9.90 -6.08 1.30
CA GLY A 40 10.41 -7.44 1.21
C GLY A 40 10.16 -8.25 2.47
N SER A 41 10.00 -7.55 3.59
CA SER A 41 9.75 -8.22 4.86
C SER A 41 8.26 -8.44 5.08
N HIS A 42 7.44 -7.64 4.40
CA HIS A 42 5.99 -7.75 4.52
C HIS A 42 5.34 -7.94 3.15
N ARG A 43 6.12 -8.45 2.21
CA ARG A 43 5.62 -8.69 0.86
C ARG A 43 4.68 -9.88 0.82
N TYR A 44 4.92 -10.85 1.70
CA TYR A 44 4.08 -12.04 1.76
C TYR A 44 2.65 -11.68 2.15
N PRO A 45 1.68 -12.45 1.63
CA PRO A 45 0.26 -12.24 1.91
C PRO A 45 -0.11 -12.58 3.35
N GLU A 46 0.42 -13.70 3.85
CA GLU A 46 0.15 -14.14 5.22
C GLU A 46 0.58 -13.07 6.22
N VAL A 47 1.70 -12.42 5.93
CA VAL A 47 2.22 -11.38 6.81
C VAL A 47 1.22 -10.24 6.98
N HIS A 48 0.77 -9.69 5.86
CA HIS A 48 -0.19 -8.59 5.89
C HIS A 48 -1.61 -9.12 5.73
N GLY A 49 -1.86 -10.31 6.26
CA GLY A 49 -3.18 -10.91 6.18
C GLY A 49 -3.88 -10.57 4.87
N CYS A 50 -3.44 -11.20 3.79
CA CYS A 50 -4.03 -10.97 2.48
C CYS A 50 -5.51 -11.35 2.47
N THR A 51 -6.36 -10.39 2.11
CA THR A 51 -7.80 -10.62 2.06
C THR A 51 -8.26 -11.46 3.25
N PHE A 52 -7.71 -11.17 4.42
CA PHE A 52 -8.07 -11.89 5.63
C PHE A 52 -9.33 -11.30 6.27
N ASP A 53 -9.83 -11.98 7.29
CA ASP A 53 -11.03 -11.52 7.99
C ASP A 53 -10.69 -10.47 9.04
N PHE A 54 -10.52 -9.23 8.60
CA PHE A 54 -10.17 -8.14 9.49
C PHE A 54 -11.33 -7.14 9.61
N LYS A 55 -11.16 -6.13 10.45
CA LYS A 55 -12.18 -5.12 10.65
C LYS A 55 -11.71 -3.75 10.16
N SER A 56 -12.00 -3.44 8.90
CA SER A 56 -11.60 -2.17 8.32
C SER A 56 -12.43 -1.85 7.08
N ALA A 57 -12.37 -0.60 6.63
CA ALA A 57 -13.12 -0.17 5.46
C ALA A 57 -12.19 0.42 4.40
N GLY A 58 -11.90 -0.37 3.37
CA GLY A 58 -11.02 0.09 2.30
C GLY A 58 -11.53 1.37 1.64
N SER A 59 -10.78 2.44 1.79
CA SER A 59 -11.16 3.73 1.22
C SER A 59 -10.26 4.07 0.03
N GLY A 60 -10.85 4.68 -0.98
CA GLY A 60 -10.10 5.07 -2.17
C GLY A 60 -9.86 6.55 -2.25
N PRO A 61 -8.79 6.95 -2.96
CA PRO A 61 -8.44 8.37 -3.13
C PRO A 61 -9.42 9.10 -4.03
N SER A 62 -10.10 10.09 -3.47
CA SER A 62 -11.08 10.88 -4.22
C SER A 62 -10.49 11.37 -5.53
N SER A 63 -11.35 11.60 -6.51
CA SER A 63 -10.90 12.07 -7.82
C SER A 63 -10.89 13.60 -7.87
N GLY A 64 -10.10 14.15 -8.79
CA GLY A 64 -10.01 15.59 -8.92
C GLY A 64 -10.92 16.12 -10.01
ZN ZN B . 6.88 -3.33 5.65
ZN ZN C . -2.18 -9.21 -0.34
N GLY A 1 14.58 43.64 0.81
CA GLY A 1 15.09 42.29 0.96
C GLY A 1 14.05 41.24 0.59
N SER A 2 13.43 41.41 -0.57
CA SER A 2 12.41 40.48 -1.03
C SER A 2 13.02 39.42 -1.96
N SER A 3 13.48 38.32 -1.37
CA SER A 3 14.09 37.24 -2.15
C SER A 3 13.01 36.40 -2.82
N GLY A 4 12.01 35.99 -2.06
CA GLY A 4 10.95 35.17 -2.60
C GLY A 4 11.44 33.82 -3.09
N SER A 5 11.60 32.88 -2.16
CA SER A 5 12.07 31.54 -2.49
C SER A 5 11.08 30.48 -2.01
N SER A 6 10.80 29.52 -2.88
CA SER A 6 9.87 28.44 -2.55
C SER A 6 10.14 27.20 -3.40
N GLY A 7 10.04 26.03 -2.79
CA GLY A 7 10.28 24.79 -3.50
C GLY A 7 9.08 24.37 -4.34
N GLN A 8 9.31 24.20 -5.64
CA GLN A 8 8.24 23.80 -6.55
C GLN A 8 7.87 22.34 -6.34
N PRO A 9 6.60 22.01 -6.60
CA PRO A 9 6.09 20.64 -6.45
C PRO A 9 6.66 19.69 -7.49
N SER A 10 7.74 19.00 -7.14
CA SER A 10 8.37 18.07 -8.05
C SER A 10 7.49 16.85 -8.29
N PRO A 11 7.65 16.23 -9.48
CA PRO A 11 6.86 15.05 -9.86
C PRO A 11 7.23 13.81 -9.04
N PRO A 12 6.21 13.07 -8.60
CA PRO A 12 6.40 11.86 -7.81
C PRO A 12 7.01 10.71 -8.62
N GLN A 13 8.18 10.25 -8.19
CA GLN A 13 8.86 9.17 -8.89
C GLN A 13 8.33 7.81 -8.45
N ARG A 14 7.01 7.74 -8.25
CA ARG A 14 6.37 6.50 -7.82
C ARG A 14 6.66 6.22 -6.36
N PRO A 15 6.37 7.22 -5.49
CA PRO A 15 6.59 7.10 -4.05
C PRO A 15 5.61 6.13 -3.39
N ASN A 16 6.04 4.89 -3.22
CA ASN A 16 5.21 3.87 -2.60
C ASN A 16 5.68 3.55 -1.19
N ARG A 17 4.77 3.63 -0.23
CA ARG A 17 5.10 3.35 1.16
C ARG A 17 4.41 2.08 1.63
N CYS A 18 5.20 1.17 2.23
CA CYS A 18 4.68 -0.09 2.72
C CYS A 18 3.33 0.11 3.42
N THR A 19 2.54 -0.95 3.49
CA THR A 19 1.23 -0.89 4.14
C THR A 19 1.29 -1.46 5.55
N VAL A 20 2.48 -1.89 5.96
CA VAL A 20 2.66 -2.48 7.29
C VAL A 20 3.57 -1.61 8.14
N CYS A 21 4.68 -1.15 7.55
CA CYS A 21 5.64 -0.31 8.25
C CYS A 21 5.93 0.95 7.46
N ARG A 22 5.22 1.14 6.35
CA ARG A 22 5.40 2.30 5.50
C ARG A 22 6.88 2.67 5.38
N LYS A 23 7.68 1.70 4.97
CA LYS A 23 9.12 1.92 4.81
C LYS A 23 9.45 2.41 3.40
N ARG A 24 8.65 3.36 2.92
CA ARG A 24 8.87 3.92 1.58
C ARG A 24 9.54 2.89 0.67
N VAL A 25 8.97 1.69 0.61
CA VAL A 25 9.51 0.63 -0.23
C VAL A 25 9.78 1.14 -1.65
N GLY A 26 11.05 1.42 -1.93
CA GLY A 26 11.42 1.91 -3.25
C GLY A 26 12.13 0.84 -4.07
N LEU A 27 13.46 0.84 -4.02
CA LEU A 27 14.26 -0.13 -4.77
C LEU A 27 13.66 -1.52 -4.65
N THR A 28 13.16 -1.86 -3.46
CA THR A 28 12.56 -3.16 -3.23
C THR A 28 11.13 -3.03 -2.75
N GLY A 29 10.18 -2.99 -3.69
CA GLY A 29 8.78 -2.87 -3.34
C GLY A 29 7.92 -3.91 -4.02
N PHE A 30 7.25 -4.74 -3.22
CA PHE A 30 6.39 -5.79 -3.75
C PHE A 30 4.92 -5.39 -3.66
N MET A 31 4.26 -5.27 -4.81
CA MET A 31 2.86 -4.90 -4.86
C MET A 31 1.96 -6.13 -4.84
N CYS A 32 1.45 -6.47 -3.67
CA CYS A 32 0.58 -7.64 -3.51
C CYS A 32 -0.53 -7.61 -4.55
N ARG A 33 -1.27 -8.72 -4.64
CA ARG A 33 -2.36 -8.84 -5.60
C ARG A 33 -3.56 -8.00 -5.16
N CYS A 34 -3.87 -8.09 -3.86
CA CYS A 34 -5.00 -7.34 -3.31
C CYS A 34 -5.01 -5.90 -3.81
N GLY A 35 -3.82 -5.36 -4.05
CA GLY A 35 -3.71 -3.99 -4.53
C GLY A 35 -2.98 -3.09 -3.56
N THR A 36 -1.97 -3.65 -2.89
CA THR A 36 -1.18 -2.88 -1.93
C THR A 36 0.30 -3.11 -2.12
N THR A 37 1.12 -2.22 -1.58
CA THR A 37 2.57 -2.32 -1.70
C THR A 37 3.21 -2.59 -0.34
N PHE A 38 4.00 -3.66 -0.26
CA PHE A 38 4.67 -4.02 0.98
C PHE A 38 6.18 -4.08 0.78
N CYS A 39 6.90 -4.27 1.87
CA CYS A 39 8.36 -4.33 1.83
C CYS A 39 8.83 -5.77 1.66
N GLY A 40 10.15 -5.95 1.51
CA GLY A 40 10.70 -7.27 1.33
C GLY A 40 10.42 -8.18 2.51
N SER A 41 10.10 -7.58 3.66
CA SER A 41 9.80 -8.35 4.86
C SER A 41 8.30 -8.58 5.00
N HIS A 42 7.50 -7.67 4.46
CA HIS A 42 6.05 -7.77 4.53
C HIS A 42 5.46 -8.00 3.14
N ARG A 43 6.30 -8.48 2.22
CA ARG A 43 5.85 -8.74 0.85
C ARG A 43 4.86 -9.89 0.82
N TYR A 44 5.04 -10.85 1.72
CA TYR A 44 4.16 -12.01 1.78
C TYR A 44 2.74 -11.60 2.20
N PRO A 45 1.74 -12.32 1.67
CA PRO A 45 0.33 -12.05 1.98
C PRO A 45 -0.03 -12.40 3.42
N GLU A 46 0.44 -13.56 3.88
CA GLU A 46 0.16 -14.01 5.23
C GLU A 46 0.60 -12.97 6.25
N VAL A 47 1.74 -12.34 6.00
CA VAL A 47 2.28 -11.32 6.90
C VAL A 47 1.24 -10.23 7.16
N HIS A 48 0.71 -9.66 6.08
CA HIS A 48 -0.29 -8.60 6.19
C HIS A 48 -1.70 -9.16 5.99
N GLY A 49 -1.93 -10.36 6.51
CA GLY A 49 -3.24 -10.99 6.38
C GLY A 49 -3.93 -10.61 5.08
N CYS A 50 -3.36 -11.04 3.96
CA CYS A 50 -3.93 -10.73 2.65
C CYS A 50 -5.42 -11.08 2.62
N THR A 51 -6.16 -10.42 1.73
CA THR A 51 -7.58 -10.66 1.59
C THR A 51 -8.05 -10.36 0.18
N PHE A 52 -8.41 -11.42 -0.55
CA PHE A 52 -8.89 -11.28 -1.93
C PHE A 52 -10.42 -11.34 -1.99
N ASP A 53 -11.02 -10.28 -2.51
CA ASP A 53 -12.47 -10.21 -2.64
C ASP A 53 -13.00 -11.39 -3.43
N PHE A 54 -13.75 -12.26 -2.75
CA PHE A 54 -14.32 -13.45 -3.39
C PHE A 54 -15.84 -13.34 -3.46
N LYS A 55 -16.38 -13.49 -4.68
CA LYS A 55 -17.82 -13.42 -4.89
C LYS A 55 -18.45 -14.81 -4.81
N SER A 56 -19.78 -14.83 -4.72
CA SER A 56 -20.51 -16.10 -4.65
C SER A 56 -20.54 -16.79 -6.01
N ALA A 57 -20.33 -18.10 -6.01
CA ALA A 57 -20.34 -18.88 -7.24
C ALA A 57 -21.74 -19.35 -7.58
N GLY A 58 -22.20 -19.04 -8.78
CA GLY A 58 -23.53 -19.44 -9.20
C GLY A 58 -23.52 -20.13 -10.56
N SER A 59 -22.55 -21.00 -10.77
CA SER A 59 -22.42 -21.73 -12.03
C SER A 59 -23.80 -22.08 -12.59
N GLY A 60 -24.04 -21.68 -13.83
CA GLY A 60 -25.32 -21.96 -14.46
C GLY A 60 -25.27 -23.21 -15.33
N PRO A 61 -25.04 -23.02 -16.63
CA PRO A 61 -24.98 -24.12 -17.59
C PRO A 61 -23.73 -24.99 -17.40
N SER A 62 -23.81 -26.22 -17.88
CA SER A 62 -22.69 -27.16 -17.75
C SER A 62 -22.96 -28.45 -18.53
N SER A 63 -21.93 -29.26 -18.69
CA SER A 63 -22.06 -30.52 -19.42
C SER A 63 -23.18 -31.36 -18.84
N GLY A 64 -23.67 -32.32 -19.64
CA GLY A 64 -24.73 -33.19 -19.19
C GLY A 64 -24.40 -34.65 -19.38
ZN ZN B . 6.84 -3.16 5.69
ZN ZN C . -2.31 -8.83 -0.11
N GLY A 1 1.28 46.97 0.36
CA GLY A 1 1.99 45.71 0.53
C GLY A 1 1.27 44.55 -0.11
N SER A 2 1.89 43.95 -1.13
CA SER A 2 1.29 42.83 -1.83
C SER A 2 2.18 41.59 -1.72
N SER A 3 1.86 40.72 -0.76
CA SER A 3 2.63 39.50 -0.54
C SER A 3 1.79 38.27 -0.89
N GLY A 4 2.38 37.37 -1.65
CA GLY A 4 1.68 36.15 -2.04
C GLY A 4 1.66 35.12 -0.93
N SER A 5 1.26 33.90 -1.27
CA SER A 5 1.18 32.82 -0.29
C SER A 5 2.15 31.70 -0.64
N SER A 6 2.59 30.95 0.36
CA SER A 6 3.52 29.85 0.16
C SER A 6 2.85 28.71 -0.59
N GLY A 7 3.55 28.17 -1.59
CA GLY A 7 3.01 27.08 -2.37
C GLY A 7 4.08 26.32 -3.13
N GLN A 8 4.09 26.48 -4.45
CA GLN A 8 5.07 25.79 -5.29
C GLN A 8 5.32 24.37 -4.80
N PRO A 9 4.25 23.59 -4.67
CA PRO A 9 4.32 22.20 -4.20
C PRO A 9 4.98 21.29 -5.22
N SER A 10 5.57 20.19 -4.74
CA SER A 10 6.24 19.23 -5.61
C SER A 10 5.29 18.09 -5.98
N PRO A 11 5.43 17.60 -7.23
CA PRO A 11 4.60 16.51 -7.75
C PRO A 11 4.93 15.18 -7.08
N PRO A 12 3.91 14.30 -6.98
CA PRO A 12 4.06 12.99 -6.37
C PRO A 12 4.91 12.04 -7.21
N GLN A 13 6.20 12.00 -6.92
CA GLN A 13 7.13 11.14 -7.66
C GLN A 13 6.96 9.68 -7.24
N ARG A 14 5.93 9.03 -7.77
CA ARG A 14 5.68 7.63 -7.44
C ARG A 14 6.01 7.33 -5.98
N PRO A 15 5.46 8.16 -5.07
CA PRO A 15 5.68 8.01 -3.64
C PRO A 15 5.00 6.77 -3.07
N ASN A 16 5.73 5.66 -3.04
CA ASN A 16 5.20 4.41 -2.52
C ASN A 16 5.66 4.17 -1.09
N ARG A 17 4.73 3.71 -0.24
CA ARG A 17 5.05 3.44 1.16
C ARG A 17 4.38 2.15 1.62
N CYS A 18 5.18 1.25 2.19
CA CYS A 18 4.67 -0.03 2.68
C CYS A 18 3.34 0.16 3.39
N THR A 19 2.55 -0.92 3.45
CA THR A 19 1.26 -0.87 4.10
C THR A 19 1.31 -1.49 5.49
N VAL A 20 2.50 -1.95 5.88
CA VAL A 20 2.70 -2.56 7.19
C VAL A 20 3.58 -1.69 8.08
N CYS A 21 4.66 -1.17 7.49
CA CYS A 21 5.59 -0.32 8.23
C CYS A 21 5.89 0.95 7.45
N ARG A 22 5.20 1.13 6.33
CA ARG A 22 5.39 2.31 5.51
C ARG A 22 6.87 2.67 5.38
N LYS A 23 7.67 1.70 4.94
CA LYS A 23 9.11 1.91 4.79
C LYS A 23 9.43 2.48 3.42
N ARG A 24 8.57 3.39 2.95
CA ARG A 24 8.77 4.02 1.65
C ARG A 24 9.41 3.05 0.67
N VAL A 25 8.91 1.82 0.64
CA VAL A 25 9.44 0.80 -0.25
C VAL A 25 9.78 1.39 -1.62
N GLY A 26 8.99 2.36 -2.05
CA GLY A 26 9.22 3.00 -3.34
C GLY A 26 8.91 2.07 -4.50
N LEU A 27 8.73 2.65 -5.68
CA LEU A 27 8.43 1.88 -6.87
C LEU A 27 9.12 0.52 -6.84
N THR A 28 10.33 0.50 -6.30
CA THR A 28 11.10 -0.73 -6.20
C THR A 28 10.64 -1.58 -5.02
N GLY A 29 9.32 -1.72 -4.88
CA GLY A 29 8.77 -2.52 -3.80
C GLY A 29 8.00 -3.72 -4.30
N PHE A 30 7.29 -4.38 -3.39
CA PHE A 30 6.50 -5.55 -3.72
C PHE A 30 5.01 -5.26 -3.63
N MET A 31 4.37 -5.07 -4.78
CA MET A 31 2.95 -4.79 -4.82
C MET A 31 2.12 -6.07 -4.81
N CYS A 32 1.53 -6.38 -3.66
CA CYS A 32 0.71 -7.58 -3.51
C CYS A 32 -0.40 -7.61 -4.56
N ARG A 33 -1.17 -8.70 -4.55
CA ARG A 33 -2.27 -8.85 -5.49
C ARG A 33 -3.49 -8.04 -5.06
N CYS A 34 -3.81 -8.12 -3.78
CA CYS A 34 -4.95 -7.38 -3.23
C CYS A 34 -5.01 -5.96 -3.79
N GLY A 35 -3.84 -5.37 -4.00
CA GLY A 35 -3.77 -4.03 -4.53
C GLY A 35 -3.06 -3.07 -3.60
N THR A 36 -2.04 -3.57 -2.90
CA THR A 36 -1.28 -2.75 -1.97
C THR A 36 0.22 -2.96 -2.15
N THR A 37 1.02 -2.06 -1.58
CA THR A 37 2.47 -2.14 -1.69
C THR A 37 3.09 -2.49 -0.34
N PHE A 38 3.95 -3.51 -0.33
CA PHE A 38 4.61 -3.94 0.88
C PHE A 38 6.12 -4.04 0.68
N CYS A 39 6.85 -4.31 1.75
CA CYS A 39 8.31 -4.43 1.70
C CYS A 39 8.72 -5.89 1.57
N GLY A 40 9.92 -6.10 1.03
CA GLY A 40 10.42 -7.46 0.86
C GLY A 40 10.18 -8.32 2.08
N SER A 41 10.00 -7.69 3.23
CA SER A 41 9.77 -8.41 4.48
C SER A 41 8.27 -8.65 4.69
N HIS A 42 7.46 -7.67 4.29
CA HIS A 42 6.01 -7.77 4.43
C HIS A 42 5.34 -7.98 3.08
N ARG A 43 6.10 -8.54 2.12
CA ARG A 43 5.57 -8.78 0.79
C ARG A 43 4.61 -9.97 0.79
N TYR A 44 4.84 -10.91 1.69
CA TYR A 44 4.00 -12.10 1.79
C TYR A 44 2.60 -11.73 2.29
N PRO A 45 1.60 -12.49 1.84
CA PRO A 45 0.20 -12.27 2.22
C PRO A 45 -0.07 -12.61 3.68
N GLU A 46 0.47 -13.75 4.12
CA GLU A 46 0.29 -14.18 5.50
C GLU A 46 0.71 -13.09 6.48
N VAL A 47 1.81 -12.42 6.18
CA VAL A 47 2.32 -11.35 7.03
C VAL A 47 1.28 -10.25 7.20
N HIS A 48 0.81 -9.70 6.08
CA HIS A 48 -0.19 -8.64 6.11
C HIS A 48 -1.58 -9.21 5.95
N GLY A 49 -1.78 -10.43 6.41
CA GLY A 49 -3.09 -11.08 6.30
C GLY A 49 -3.84 -10.65 5.06
N CYS A 50 -3.40 -11.14 3.90
CA CYS A 50 -4.03 -10.80 2.64
C CYS A 50 -5.53 -11.10 2.68
N THR A 51 -6.35 -10.05 2.59
CA THR A 51 -7.79 -10.20 2.61
C THR A 51 -8.29 -10.95 1.39
N PHE A 52 -7.52 -10.89 0.30
CA PHE A 52 -7.88 -11.56 -0.94
C PHE A 52 -7.57 -13.05 -0.86
N ASP A 53 -8.61 -13.87 -0.87
CA ASP A 53 -8.45 -15.32 -0.81
C ASP A 53 -8.77 -15.97 -2.15
N PHE A 54 -7.88 -16.84 -2.60
CA PHE A 54 -8.07 -17.53 -3.88
C PHE A 54 -8.52 -18.97 -3.66
N LYS A 55 -9.59 -19.36 -4.34
CA LYS A 55 -10.13 -20.71 -4.22
C LYS A 55 -9.03 -21.75 -4.38
N SER A 56 -9.10 -22.80 -3.58
CA SER A 56 -8.11 -23.87 -3.62
C SER A 56 -8.78 -25.23 -3.76
N ALA A 57 -8.83 -25.73 -5.00
CA ALA A 57 -9.44 -27.03 -5.28
C ALA A 57 -8.76 -27.71 -6.46
N GLY A 58 -8.98 -29.02 -6.58
CA GLY A 58 -8.37 -29.77 -7.66
C GLY A 58 -9.32 -30.79 -8.26
N SER A 59 -9.26 -30.95 -9.57
CA SER A 59 -10.13 -31.91 -10.26
C SER A 59 -9.99 -33.30 -9.66
N GLY A 60 -11.11 -33.85 -9.21
CA GLY A 60 -11.10 -35.18 -8.61
C GLY A 60 -10.51 -36.23 -9.54
N PRO A 61 -11.38 -36.93 -10.28
CA PRO A 61 -10.96 -37.97 -11.22
C PRO A 61 -10.23 -37.40 -12.43
N SER A 62 -8.91 -37.33 -12.35
CA SER A 62 -8.10 -36.80 -13.44
C SER A 62 -7.46 -37.94 -14.23
N SER A 63 -7.46 -37.80 -15.55
CA SER A 63 -6.88 -38.81 -16.43
C SER A 63 -5.43 -38.48 -16.75
N GLY A 64 -4.66 -39.50 -17.11
CA GLY A 64 -3.26 -39.31 -17.45
C GLY A 64 -3.01 -39.37 -18.94
ZN ZN B . 6.81 -3.13 5.64
ZN ZN C . -2.18 -9.04 -0.24
N GLY A 1 10.54 32.71 -4.57
CA GLY A 1 9.48 33.08 -5.48
C GLY A 1 9.20 34.57 -5.48
N SER A 2 8.79 35.10 -6.63
CA SER A 2 8.50 36.52 -6.75
C SER A 2 7.61 37.00 -5.60
N SER A 3 6.48 36.33 -5.42
CA SER A 3 5.54 36.69 -4.37
C SER A 3 5.64 35.70 -3.20
N GLY A 4 5.15 36.13 -2.04
CA GLY A 4 5.19 35.28 -0.86
C GLY A 4 4.67 33.88 -1.15
N SER A 5 5.56 32.89 -1.11
CA SER A 5 5.19 31.51 -1.37
C SER A 5 6.37 30.57 -1.13
N SER A 6 6.07 29.34 -0.74
CA SER A 6 7.11 28.35 -0.49
C SER A 6 7.50 27.61 -1.77
N GLY A 7 8.40 28.21 -2.53
CA GLY A 7 8.84 27.60 -3.77
C GLY A 7 7.71 26.91 -4.52
N GLN A 8 8.01 25.79 -5.16
CA GLN A 8 7.01 25.04 -5.91
C GLN A 8 7.00 23.57 -5.49
N PRO A 9 5.79 23.00 -5.37
CA PRO A 9 5.61 21.60 -4.99
C PRO A 9 6.08 20.63 -6.07
N SER A 10 5.89 19.34 -5.82
CA SER A 10 6.30 18.31 -6.77
C SER A 10 5.22 17.23 -6.89
N PRO A 11 4.99 16.76 -8.12
CA PRO A 11 4.00 15.72 -8.41
C PRO A 11 4.42 14.36 -7.86
N PRO A 12 3.48 13.40 -7.86
CA PRO A 12 3.72 12.05 -7.36
C PRO A 12 4.65 11.26 -8.28
N GLN A 13 5.95 11.43 -8.08
CA GLN A 13 6.94 10.72 -8.90
C GLN A 13 6.88 9.22 -8.66
N ARG A 14 7.42 8.77 -7.53
CA ARG A 14 7.41 7.35 -7.19
C ARG A 14 7.00 7.15 -5.73
N PRO A 15 5.83 7.70 -5.36
CA PRO A 15 5.31 7.58 -4.00
C PRO A 15 4.86 6.16 -3.67
N ASN A 16 5.69 5.44 -2.93
CA ASN A 16 5.38 4.07 -2.54
C ASN A 16 5.84 3.79 -1.10
N ARG A 17 4.87 3.62 -0.22
CA ARG A 17 5.18 3.35 1.19
C ARG A 17 4.48 2.08 1.66
N CYS A 18 5.26 1.15 2.22
CA CYS A 18 4.71 -0.12 2.70
C CYS A 18 3.40 0.11 3.44
N THR A 19 2.52 -0.89 3.40
CA THR A 19 1.23 -0.80 4.05
C THR A 19 1.28 -1.43 5.45
N VAL A 20 2.46 -1.90 5.83
CA VAL A 20 2.64 -2.52 7.15
C VAL A 20 3.52 -1.65 8.03
N CYS A 21 4.65 -1.20 7.49
CA CYS A 21 5.57 -0.37 8.25
C CYS A 21 5.87 0.93 7.50
N ARG A 22 5.29 1.07 6.31
CA ARG A 22 5.48 2.26 5.49
C ARG A 22 6.97 2.61 5.39
N LYS A 23 7.77 1.63 4.97
CA LYS A 23 9.20 1.82 4.81
C LYS A 23 9.54 2.40 3.44
N ARG A 24 8.70 3.32 2.98
CA ARG A 24 8.91 3.97 1.68
C ARG A 24 9.60 3.01 0.71
N VAL A 25 9.05 1.81 0.57
CA VAL A 25 9.61 0.80 -0.31
C VAL A 25 9.79 1.37 -1.73
N GLY A 26 11.04 1.34 -2.21
CA GLY A 26 11.32 1.85 -3.54
C GLY A 26 11.13 0.80 -4.61
N LEU A 27 12.07 0.75 -5.56
CA LEU A 27 12.00 -0.22 -6.65
C LEU A 27 11.74 -1.62 -6.11
N THR A 28 12.55 -2.05 -5.15
CA THR A 28 12.41 -3.37 -4.56
C THR A 28 10.99 -3.60 -4.04
N GLY A 29 10.37 -2.52 -3.56
CA GLY A 29 9.02 -2.62 -3.04
C GLY A 29 8.14 -3.53 -3.88
N PHE A 30 7.43 -4.43 -3.21
CA PHE A 30 6.55 -5.38 -3.90
C PHE A 30 5.09 -4.94 -3.80
N MET A 31 4.30 -5.30 -4.80
CA MET A 31 2.89 -4.95 -4.81
C MET A 31 2.01 -6.19 -4.81
N CYS A 32 1.47 -6.52 -3.64
CA CYS A 32 0.61 -7.68 -3.49
C CYS A 32 -0.47 -7.71 -4.56
N ARG A 33 -1.22 -8.80 -4.62
CA ARG A 33 -2.29 -8.96 -5.61
C ARG A 33 -3.53 -8.17 -5.18
N CYS A 34 -3.79 -8.15 -3.88
CA CYS A 34 -4.95 -7.44 -3.34
C CYS A 34 -4.98 -6.00 -3.84
N GLY A 35 -3.81 -5.43 -4.09
CA GLY A 35 -3.73 -4.07 -4.57
C GLY A 35 -3.03 -3.15 -3.59
N THR A 36 -1.99 -3.66 -2.94
CA THR A 36 -1.23 -2.88 -1.98
C THR A 36 0.27 -3.07 -2.15
N THR A 37 1.05 -2.19 -1.54
CA THR A 37 2.51 -2.27 -1.63
C THR A 37 3.13 -2.60 -0.28
N PHE A 38 4.01 -3.61 -0.28
CA PHE A 38 4.67 -4.03 0.95
C PHE A 38 6.18 -4.13 0.74
N CYS A 39 6.91 -4.39 1.82
CA CYS A 39 8.36 -4.50 1.75
C CYS A 39 8.78 -5.97 1.63
N GLY A 40 9.95 -6.20 1.05
CA GLY A 40 10.44 -7.56 0.89
C GLY A 40 10.20 -8.42 2.11
N SER A 41 10.07 -7.77 3.27
CA SER A 41 9.83 -8.49 4.51
C SER A 41 8.34 -8.72 4.73
N HIS A 42 7.52 -7.75 4.32
CA HIS A 42 6.08 -7.86 4.46
C HIS A 42 5.41 -8.06 3.11
N ARG A 43 6.18 -8.58 2.15
CA ARG A 43 5.64 -8.82 0.80
C ARG A 43 4.64 -9.97 0.81
N TYR A 44 4.86 -10.93 1.68
CA TYR A 44 3.97 -12.09 1.79
C TYR A 44 2.58 -11.65 2.26
N PRO A 45 1.56 -12.41 1.83
CA PRO A 45 0.16 -12.13 2.18
C PRO A 45 -0.12 -12.40 3.66
N GLU A 46 0.34 -13.56 4.13
CA GLU A 46 0.13 -13.95 5.53
C GLU A 46 0.65 -12.87 6.48
N VAL A 47 1.81 -12.31 6.15
CA VAL A 47 2.41 -11.27 6.98
C VAL A 47 1.42 -10.13 7.23
N HIS A 48 0.73 -9.71 6.17
CA HIS A 48 -0.25 -8.63 6.29
C HIS A 48 -1.67 -9.16 6.11
N GLY A 49 -1.90 -10.36 6.63
CA GLY A 49 -3.23 -10.97 6.53
C GLY A 49 -3.95 -10.56 5.27
N CYS A 50 -3.43 -10.97 4.11
CA CYS A 50 -4.02 -10.64 2.82
C CYS A 50 -5.53 -10.89 2.85
N THR A 51 -6.30 -9.87 2.47
CA THR A 51 -7.75 -9.98 2.44
C THR A 51 -8.37 -8.89 1.58
N PHE A 52 -9.15 -9.30 0.58
CA PHE A 52 -9.80 -8.36 -0.31
C PHE A 52 -11.09 -7.82 0.30
N ASP A 53 -11.05 -7.59 1.61
CA ASP A 53 -12.21 -7.07 2.32
C ASP A 53 -13.52 -7.54 1.66
N PHE A 54 -13.52 -8.79 1.21
CA PHE A 54 -14.70 -9.35 0.56
C PHE A 54 -15.80 -9.66 1.58
N LYS A 55 -17.04 -9.38 1.19
CA LYS A 55 -18.19 -9.62 2.07
C LYS A 55 -19.41 -10.05 1.26
N SER A 56 -20.04 -11.14 1.69
CA SER A 56 -21.22 -11.66 1.01
C SER A 56 -22.48 -11.39 1.83
N ALA A 57 -23.07 -10.21 1.64
CA ALA A 57 -24.27 -9.84 2.35
C ALA A 57 -25.49 -10.58 1.80
N GLY A 58 -26.64 -10.38 2.45
CA GLY A 58 -27.86 -11.04 2.01
C GLY A 58 -28.46 -10.39 0.79
N SER A 59 -29.16 -9.27 1.00
CA SER A 59 -29.80 -8.55 -0.10
C SER A 59 -28.79 -7.65 -0.82
N GLY A 60 -28.01 -8.25 -1.70
CA GLY A 60 -27.02 -7.49 -2.45
C GLY A 60 -27.65 -6.43 -3.33
N PRO A 61 -27.72 -6.70 -4.64
CA PRO A 61 -28.30 -5.78 -5.61
C PRO A 61 -29.81 -5.63 -5.45
N SER A 62 -30.31 -4.41 -5.67
CA SER A 62 -31.73 -4.15 -5.55
C SER A 62 -32.27 -3.48 -6.82
N SER A 63 -33.34 -4.06 -7.37
CA SER A 63 -33.94 -3.53 -8.59
C SER A 63 -34.84 -2.33 -8.26
N GLY A 64 -34.33 -1.42 -7.44
CA GLY A 64 -35.10 -0.24 -7.08
C GLY A 64 -36.58 -0.52 -6.99
ZN ZN B . 6.88 -3.15 5.64
ZN ZN C . -2.34 -8.94 -0.07
N GLY A 1 -4.91 45.54 -0.60
CA GLY A 1 -4.37 44.72 0.46
C GLY A 1 -4.60 43.24 0.22
N SER A 2 -4.20 42.76 -0.96
CA SER A 2 -4.38 41.36 -1.31
C SER A 2 -3.11 40.56 -1.01
N SER A 3 -3.13 39.82 0.08
CA SER A 3 -1.98 39.02 0.49
C SER A 3 -2.41 37.58 0.79
N GLY A 4 -1.80 36.63 0.10
CA GLY A 4 -2.12 35.23 0.31
C GLY A 4 -0.90 34.33 0.23
N SER A 5 -0.25 34.11 1.38
CA SER A 5 0.93 33.27 1.42
C SER A 5 0.62 31.86 0.95
N SER A 6 0.99 31.57 -0.29
CA SER A 6 0.74 30.26 -0.88
C SER A 6 2.05 29.48 -1.04
N GLY A 7 1.95 28.16 -1.03
CA GLY A 7 3.13 27.32 -1.18
C GLY A 7 2.98 26.29 -2.28
N GLN A 8 4.10 25.75 -2.74
CA GLN A 8 4.09 24.75 -3.80
C GLN A 8 4.42 23.36 -3.25
N PRO A 9 3.50 22.42 -3.43
CA PRO A 9 3.67 21.04 -2.96
C PRO A 9 4.73 20.28 -3.74
N SER A 10 5.49 19.45 -3.05
CA SER A 10 6.55 18.67 -3.68
C SER A 10 5.99 17.82 -4.82
N PRO A 11 6.82 17.58 -5.85
CA PRO A 11 6.43 16.79 -7.02
C PRO A 11 6.27 15.30 -6.67
N PRO A 12 5.05 14.79 -6.82
CA PRO A 12 4.74 13.38 -6.54
C PRO A 12 5.37 12.43 -7.56
N GLN A 13 6.49 11.84 -7.18
CA GLN A 13 7.19 10.91 -8.06
C GLN A 13 6.76 9.47 -7.79
N ARG A 14 5.47 9.29 -7.52
CA ARG A 14 4.93 7.96 -7.24
C ARG A 14 5.58 7.35 -6.01
N PRO A 15 5.53 8.09 -4.89
CA PRO A 15 6.11 7.64 -3.62
C PRO A 15 5.35 6.47 -3.00
N ASN A 16 5.87 5.27 -3.19
CA ASN A 16 5.24 4.07 -2.64
C ASN A 16 5.74 3.78 -1.23
N ARG A 17 4.79 3.70 -0.29
CA ARG A 17 5.13 3.44 1.10
C ARG A 17 4.45 2.16 1.59
N CYS A 18 5.24 1.25 2.15
CA CYS A 18 4.71 -0.02 2.65
C CYS A 18 3.37 0.20 3.35
N THR A 19 2.58 -0.86 3.44
CA THR A 19 1.28 -0.80 4.09
C THR A 19 1.32 -1.40 5.48
N VAL A 20 2.51 -1.84 5.89
CA VAL A 20 2.69 -2.43 7.21
C VAL A 20 3.59 -1.57 8.08
N CYS A 21 4.70 -1.10 7.50
CA CYS A 21 5.64 -0.27 8.22
C CYS A 21 5.96 1.01 7.44
N ARG A 22 5.26 1.19 6.32
CA ARG A 22 5.46 2.37 5.48
C ARG A 22 6.95 2.69 5.36
N LYS A 23 7.74 1.71 4.94
CA LYS A 23 9.18 1.89 4.77
C LYS A 23 9.50 2.44 3.39
N ARG A 24 8.69 3.40 2.92
CA ARG A 24 8.89 3.99 1.61
C ARG A 24 9.61 3.03 0.67
N VAL A 25 9.09 1.81 0.60
CA VAL A 25 9.68 0.79 -0.27
C VAL A 25 10.19 1.39 -1.57
N GLY A 26 9.51 2.44 -2.03
CA GLY A 26 9.91 3.10 -3.26
C GLY A 26 10.17 2.12 -4.39
N LEU A 27 11.05 2.49 -5.32
CA LEU A 27 11.37 1.63 -6.46
C LEU A 27 11.39 0.16 -6.04
N THR A 28 12.17 -0.14 -5.00
CA THR A 28 12.29 -1.50 -4.51
C THR A 28 11.07 -1.89 -3.68
N GLY A 29 9.91 -1.92 -4.33
CA GLY A 29 8.69 -2.29 -3.65
C GLY A 29 8.01 -3.50 -4.25
N PHE A 30 7.03 -4.04 -3.56
CA PHE A 30 6.30 -5.22 -4.04
C PHE A 30 4.80 -5.03 -3.87
N MET A 31 4.12 -4.72 -4.98
CA MET A 31 2.68 -4.51 -4.96
C MET A 31 1.94 -5.84 -4.95
N CYS A 32 1.50 -6.26 -3.77
CA CYS A 32 0.78 -7.52 -3.63
C CYS A 32 -0.37 -7.60 -4.62
N ARG A 33 -1.08 -8.73 -4.61
CA ARG A 33 -2.21 -8.94 -5.51
C ARG A 33 -3.45 -8.22 -5.01
N CYS A 34 -3.69 -8.29 -3.70
CA CYS A 34 -4.85 -7.65 -3.10
C CYS A 34 -4.99 -6.21 -3.61
N GLY A 35 -3.86 -5.59 -3.91
CA GLY A 35 -3.89 -4.22 -4.41
C GLY A 35 -3.20 -3.25 -3.46
N THR A 36 -2.08 -3.68 -2.89
CA THR A 36 -1.33 -2.84 -1.96
C THR A 36 0.18 -3.05 -2.13
N THR A 37 0.96 -2.14 -1.56
CA THR A 37 2.41 -2.22 -1.64
C THR A 37 3.03 -2.55 -0.28
N PHE A 38 3.91 -3.54 -0.27
CA PHE A 38 4.57 -3.95 0.96
C PHE A 38 6.09 -4.03 0.77
N CYS A 39 6.80 -4.30 1.85
CA CYS A 39 8.25 -4.41 1.81
C CYS A 39 8.70 -5.86 1.68
N GLY A 40 9.99 -6.06 1.44
CA GLY A 40 10.51 -7.41 1.31
C GLY A 40 10.23 -8.26 2.52
N SER A 41 9.97 -7.62 3.65
CA SER A 41 9.68 -8.33 4.89
C SER A 41 8.18 -8.53 5.08
N HIS A 42 7.40 -7.64 4.47
CA HIS A 42 5.95 -7.73 4.56
C HIS A 42 5.32 -7.95 3.19
N ARG A 43 6.12 -8.47 2.25
CA ARG A 43 5.65 -8.73 0.91
C ARG A 43 4.71 -9.93 0.88
N TYR A 44 4.95 -10.88 1.78
CA TYR A 44 4.14 -12.09 1.86
C TYR A 44 2.69 -11.74 2.22
N PRO A 45 1.75 -12.51 1.65
CA PRO A 45 0.32 -12.30 1.90
C PRO A 45 -0.09 -12.69 3.32
N GLU A 46 0.48 -13.77 3.83
CA GLU A 46 0.19 -14.24 5.16
C GLU A 46 0.58 -13.19 6.21
N VAL A 47 1.70 -12.52 5.97
CA VAL A 47 2.18 -11.49 6.88
C VAL A 47 1.17 -10.37 7.04
N HIS A 48 0.82 -9.74 5.91
CA HIS A 48 -0.15 -8.64 5.92
C HIS A 48 -1.57 -9.17 5.73
N GLY A 49 -1.82 -10.38 6.22
CA GLY A 49 -3.13 -10.97 6.09
C GLY A 49 -3.80 -10.63 4.77
N CYS A 50 -3.39 -11.32 3.71
CA CYS A 50 -3.94 -11.09 2.39
C CYS A 50 -5.38 -11.58 2.30
N THR A 51 -6.28 -10.70 1.87
CA THR A 51 -7.69 -11.05 1.75
C THR A 51 -8.10 -11.18 0.28
N PHE A 52 -7.83 -12.35 -0.29
CA PHE A 52 -8.17 -12.62 -1.68
C PHE A 52 -9.68 -12.74 -1.86
N ASP A 53 -10.24 -11.95 -2.77
CA ASP A 53 -11.67 -11.98 -3.04
C ASP A 53 -12.05 -13.19 -3.87
N PHE A 54 -13.05 -13.94 -3.41
CA PHE A 54 -13.51 -15.13 -4.12
C PHE A 54 -14.00 -14.78 -5.51
N LYS A 55 -14.28 -15.80 -6.31
CA LYS A 55 -14.77 -15.60 -7.67
C LYS A 55 -16.29 -15.54 -7.70
N SER A 56 -16.94 -16.63 -7.29
CA SER A 56 -18.39 -16.70 -7.27
C SER A 56 -18.96 -15.80 -6.19
N ALA A 57 -19.79 -14.84 -6.60
CA ALA A 57 -20.41 -13.91 -5.67
C ALA A 57 -21.93 -14.01 -5.72
N GLY A 58 -22.47 -15.03 -5.07
CA GLY A 58 -23.91 -15.22 -5.06
C GLY A 58 -24.60 -14.32 -4.05
N SER A 59 -25.89 -14.54 -3.85
CA SER A 59 -26.68 -13.75 -2.91
C SER A 59 -26.65 -12.28 -3.31
N GLY A 60 -26.79 -12.01 -4.60
CA GLY A 60 -26.79 -10.65 -5.09
C GLY A 60 -26.47 -10.55 -6.57
N PRO A 61 -26.49 -9.32 -7.11
CA PRO A 61 -26.20 -9.08 -8.52
C PRO A 61 -24.74 -9.31 -8.86
N SER A 62 -24.42 -10.52 -9.34
CA SER A 62 -23.05 -10.87 -9.70
C SER A 62 -22.39 -9.73 -10.48
N SER A 63 -21.06 -9.79 -10.58
CA SER A 63 -20.31 -8.77 -11.29
C SER A 63 -19.88 -9.27 -12.67
N GLY A 64 -19.25 -10.43 -12.69
CA GLY A 64 -18.79 -11.01 -13.94
C GLY A 64 -17.37 -10.61 -14.28
ZN ZN B . 6.83 -3.11 5.66
ZN ZN C . -1.91 -9.26 -0.36
N GLY A 1 12.41 43.35 0.51
CA GLY A 1 11.87 42.24 -0.26
C GLY A 1 10.90 41.39 0.55
N SER A 2 10.45 40.29 -0.04
CA SER A 2 9.51 39.40 0.64
C SER A 2 9.92 37.94 0.44
N SER A 3 9.31 37.05 1.22
CA SER A 3 9.61 35.63 1.13
C SER A 3 8.47 34.87 0.46
N GLY A 4 8.76 33.69 -0.04
CA GLY A 4 7.75 32.88 -0.71
C GLY A 4 6.78 32.26 0.26
N SER A 5 5.77 33.03 0.68
CA SER A 5 4.77 32.55 1.62
C SER A 5 4.06 31.32 1.07
N SER A 6 3.54 31.44 -0.15
CA SER A 6 2.84 30.33 -0.79
C SER A 6 3.74 29.12 -0.94
N GLY A 7 3.15 27.93 -0.80
CA GLY A 7 3.93 26.70 -0.92
C GLY A 7 3.64 25.97 -2.21
N GLN A 8 4.70 25.47 -2.85
CA GLN A 8 4.56 24.73 -4.10
C GLN A 8 4.21 23.27 -3.85
N PRO A 9 3.29 22.74 -4.68
CA PRO A 9 2.85 21.35 -4.56
C PRO A 9 3.94 20.36 -4.96
N SER A 10 3.83 19.12 -4.46
CA SER A 10 4.80 18.09 -4.77
C SER A 10 4.20 17.02 -5.68
N PRO A 11 4.82 16.83 -6.85
CA PRO A 11 4.36 15.85 -7.84
C PRO A 11 4.58 14.41 -7.36
N PRO A 12 3.68 13.51 -7.79
CA PRO A 12 3.76 12.08 -7.42
C PRO A 12 4.93 11.38 -8.09
N GLN A 13 6.10 11.46 -7.46
CA GLN A 13 7.30 10.81 -8.00
C GLN A 13 7.34 9.34 -7.63
N ARG A 14 6.22 8.65 -7.85
CA ARG A 14 6.13 7.22 -7.54
C ARG A 14 6.34 6.98 -6.05
N PRO A 15 5.58 7.71 -5.21
CA PRO A 15 5.67 7.58 -3.75
C PRO A 15 5.12 6.26 -3.25
N ASN A 16 6.01 5.29 -3.04
CA ASN A 16 5.62 3.98 -2.56
C ASN A 16 5.97 3.81 -1.08
N ARG A 17 4.97 3.45 -0.28
CA ARG A 17 5.17 3.25 1.15
C ARG A 17 4.50 1.96 1.62
N CYS A 18 5.25 1.16 2.37
CA CYS A 18 4.73 -0.10 2.89
C CYS A 18 3.47 0.12 3.72
N THR A 19 2.40 -0.57 3.34
CA THR A 19 1.13 -0.45 4.05
C THR A 19 1.17 -1.17 5.40
N VAL A 20 2.35 -1.65 5.76
CA VAL A 20 2.53 -2.36 7.03
C VAL A 20 3.49 -1.62 7.94
N CYS A 21 4.58 -1.13 7.37
CA CYS A 21 5.59 -0.40 8.14
C CYS A 21 5.93 0.92 7.46
N ARG A 22 5.33 1.16 6.30
CA ARG A 22 5.58 2.39 5.56
C ARG A 22 7.06 2.70 5.49
N LYS A 23 7.86 1.72 5.07
CA LYS A 23 9.30 1.89 4.96
C LYS A 23 9.67 2.52 3.63
N ARG A 24 8.70 3.14 2.97
CA ARG A 24 8.93 3.79 1.68
C ARG A 24 9.52 2.80 0.69
N VAL A 25 8.95 1.59 0.64
CA VAL A 25 9.43 0.57 -0.28
C VAL A 25 9.88 1.17 -1.60
N GLY A 26 11.09 0.80 -2.01
CA GLY A 26 11.63 1.32 -3.27
C GLY A 26 11.75 0.25 -4.33
N LEU A 27 12.99 -0.08 -4.70
CA LEU A 27 13.23 -1.09 -5.73
C LEU A 27 12.64 -2.43 -5.31
N THR A 28 12.72 -2.73 -4.02
CA THR A 28 12.19 -3.99 -3.49
C THR A 28 10.73 -3.85 -3.09
N GLY A 29 9.98 -3.04 -3.85
CA GLY A 29 8.58 -2.84 -3.55
C GLY A 29 7.69 -3.89 -4.17
N PHE A 30 7.17 -4.79 -3.32
CA PHE A 30 6.30 -5.86 -3.79
C PHE A 30 4.84 -5.47 -3.67
N MET A 31 4.18 -5.32 -4.82
CA MET A 31 2.77 -4.94 -4.85
C MET A 31 1.87 -6.18 -4.84
N CYS A 32 1.36 -6.51 -3.67
CA CYS A 32 0.49 -7.68 -3.52
C CYS A 32 -0.59 -7.69 -4.59
N ARG A 33 -1.31 -8.80 -4.70
CA ARG A 33 -2.36 -8.94 -5.69
C ARG A 33 -3.62 -8.16 -5.26
N CYS A 34 -3.88 -8.15 -3.95
CA CYS A 34 -5.04 -7.45 -3.42
C CYS A 34 -5.07 -6.00 -3.90
N GLY A 35 -3.89 -5.42 -4.09
CA GLY A 35 -3.81 -4.05 -4.55
C GLY A 35 -3.09 -3.15 -3.57
N THR A 36 -2.02 -3.66 -2.97
CA THR A 36 -1.26 -2.89 -1.99
C THR A 36 0.24 -3.08 -2.21
N THR A 37 1.04 -2.23 -1.56
CA THR A 37 2.49 -2.30 -1.69
C THR A 37 3.14 -2.60 -0.34
N PHE A 38 4.05 -3.57 -0.33
CA PHE A 38 4.74 -3.95 0.89
C PHE A 38 6.24 -4.06 0.65
N CYS A 39 7.01 -4.20 1.74
CA CYS A 39 8.46 -4.31 1.65
C CYS A 39 8.87 -5.78 1.54
N GLY A 40 10.18 -6.01 1.33
CA GLY A 40 10.68 -7.35 1.21
C GLY A 40 10.42 -8.18 2.45
N SER A 41 10.09 -7.51 3.55
CA SER A 41 9.82 -8.19 4.81
C SER A 41 8.33 -8.42 5.00
N HIS A 42 7.52 -7.58 4.36
CA HIS A 42 6.07 -7.69 4.46
C HIS A 42 5.45 -7.92 3.08
N ARG A 43 6.25 -8.46 2.16
CA ARG A 43 5.78 -8.74 0.81
C ARG A 43 4.81 -9.91 0.80
N TYR A 44 4.98 -10.83 1.75
CA TYR A 44 4.13 -12.00 1.84
C TYR A 44 2.71 -11.61 2.25
N PRO A 45 1.72 -12.36 1.74
CA PRO A 45 0.31 -12.11 2.03
C PRO A 45 -0.05 -12.46 3.47
N GLU A 46 0.45 -13.59 3.94
CA GLU A 46 0.19 -14.04 5.30
C GLU A 46 0.62 -12.98 6.31
N VAL A 47 1.74 -12.32 6.03
CA VAL A 47 2.26 -11.28 6.91
C VAL A 47 1.23 -10.19 7.16
N HIS A 48 0.71 -9.61 6.07
CA HIS A 48 -0.29 -8.55 6.17
C HIS A 48 -1.69 -9.12 5.99
N GLY A 49 -1.91 -10.32 6.51
CA GLY A 49 -3.21 -10.96 6.40
C GLY A 49 -3.94 -10.57 5.12
N CYS A 50 -3.38 -11.00 3.98
CA CYS A 50 -3.97 -10.70 2.68
C CYS A 50 -5.49 -10.87 2.72
N THR A 51 -6.18 -10.21 1.80
CA THR A 51 -7.63 -10.29 1.73
C THR A 51 -8.11 -10.58 0.30
N PHE A 52 -8.51 -11.82 0.06
CA PHE A 52 -8.99 -12.21 -1.26
C PHE A 52 -10.30 -12.98 -1.17
N ASP A 53 -11.26 -12.61 -2.00
CA ASP A 53 -12.57 -13.26 -2.00
C ASP A 53 -12.43 -14.75 -1.76
N PHE A 54 -12.96 -15.22 -0.64
CA PHE A 54 -12.90 -16.63 -0.28
C PHE A 54 -13.82 -17.46 -1.17
N LYS A 55 -13.55 -18.76 -1.24
CA LYS A 55 -14.35 -19.66 -2.05
C LYS A 55 -15.68 -20.00 -1.36
N SER A 56 -16.70 -19.20 -1.64
CA SER A 56 -18.01 -19.41 -1.03
C SER A 56 -19.00 -19.95 -2.07
N ALA A 57 -19.82 -20.91 -1.63
CA ALA A 57 -20.82 -21.51 -2.51
C ALA A 57 -22.23 -21.23 -2.02
N GLY A 58 -22.48 -21.54 -0.76
CA GLY A 58 -23.80 -21.31 -0.19
C GLY A 58 -24.17 -22.37 0.84
N SER A 59 -25.45 -22.43 1.18
CA SER A 59 -25.95 -23.40 2.15
C SER A 59 -26.91 -24.39 1.49
N GLY A 60 -26.82 -25.65 1.92
CA GLY A 60 -27.69 -26.68 1.36
C GLY A 60 -28.97 -26.84 2.16
N PRO A 61 -29.72 -27.91 1.85
CA PRO A 61 -30.99 -28.20 2.54
C PRO A 61 -30.78 -28.64 3.99
N SER A 62 -31.88 -28.92 4.67
CA SER A 62 -31.82 -29.34 6.07
C SER A 62 -31.70 -30.86 6.17
N SER A 63 -30.55 -31.33 6.65
CA SER A 63 -30.31 -32.76 6.80
C SER A 63 -29.66 -33.06 8.15
N GLY A 64 -30.42 -33.75 9.01
CA GLY A 64 -29.90 -34.09 10.33
C GLY A 64 -30.19 -33.02 11.37
ZN ZN B . 7.07 -3.38 5.59
ZN ZN C . -2.46 -8.95 -0.04
N GLY A 1 -6.16 43.08 -12.00
CA GLY A 1 -6.57 41.70 -11.76
C GLY A 1 -5.39 40.76 -11.70
N SER A 2 -4.99 40.38 -10.48
CA SER A 2 -3.87 39.48 -10.30
C SER A 2 -4.35 38.11 -9.82
N SER A 3 -3.87 37.05 -10.49
CA SER A 3 -4.25 35.69 -10.14
C SER A 3 -3.25 34.68 -10.69
N GLY A 4 -2.93 33.68 -9.90
CA GLY A 4 -1.98 32.66 -10.33
C GLY A 4 -1.19 32.09 -9.18
N SER A 5 -1.55 30.88 -8.75
CA SER A 5 -0.86 30.22 -7.65
C SER A 5 0.64 30.15 -7.92
N SER A 6 1.43 30.52 -6.92
CA SER A 6 2.89 30.50 -7.04
C SER A 6 3.41 29.07 -7.00
N GLY A 7 4.24 28.72 -7.98
CA GLY A 7 4.80 27.39 -8.05
C GLY A 7 4.43 26.67 -9.33
N GLN A 8 4.76 25.38 -9.39
CA GLN A 8 4.46 24.57 -10.57
C GLN A 8 4.10 23.15 -10.18
N PRO A 9 3.07 22.59 -10.84
CA PRO A 9 2.60 21.23 -10.58
C PRO A 9 3.59 20.18 -11.05
N SER A 10 3.95 19.25 -10.16
CA SER A 10 4.89 18.20 -10.49
C SER A 10 4.28 16.83 -10.19
N PRO A 11 4.59 15.85 -11.06
CA PRO A 11 4.09 14.48 -10.92
C PRO A 11 4.72 13.75 -9.74
N PRO A 12 4.11 12.63 -9.35
CA PRO A 12 4.59 11.81 -8.23
C PRO A 12 5.91 11.11 -8.54
N GLN A 13 6.88 11.26 -7.65
CA GLN A 13 8.19 10.64 -7.83
C GLN A 13 8.16 9.17 -7.41
N ARG A 14 7.12 8.46 -7.85
CA ARG A 14 6.97 7.05 -7.52
C ARG A 14 6.92 6.84 -6.01
N PRO A 15 6.03 7.59 -5.34
CA PRO A 15 5.87 7.51 -3.88
C PRO A 15 5.25 6.18 -3.45
N ASN A 16 6.09 5.24 -3.03
CA ASN A 16 5.62 3.94 -2.58
C ASN A 16 5.99 3.70 -1.12
N ARG A 17 4.97 3.61 -0.27
CA ARG A 17 5.19 3.38 1.16
C ARG A 17 4.50 2.09 1.61
N CYS A 18 5.28 1.20 2.22
CA CYS A 18 4.75 -0.07 2.70
C CYS A 18 3.40 0.13 3.39
N THR A 19 2.63 -0.95 3.48
CA THR A 19 1.32 -0.90 4.12
C THR A 19 1.37 -1.50 5.52
N VAL A 20 2.55 -1.92 5.95
CA VAL A 20 2.73 -2.50 7.27
C VAL A 20 3.62 -1.63 8.14
N CYS A 21 4.72 -1.16 7.56
CA CYS A 21 5.65 -0.31 8.29
C CYS A 21 5.95 0.96 7.51
N ARG A 22 5.28 1.13 6.37
CA ARG A 22 5.48 2.30 5.54
C ARG A 22 6.95 2.66 5.42
N LYS A 23 7.77 1.69 5.00
CA LYS A 23 9.20 1.90 4.84
C LYS A 23 9.53 2.47 3.47
N ARG A 24 8.69 3.38 3.00
CA ARG A 24 8.89 4.00 1.70
C ARG A 24 9.49 3.00 0.70
N VAL A 25 8.96 1.78 0.71
CA VAL A 25 9.45 0.74 -0.19
C VAL A 25 9.69 1.29 -1.58
N GLY A 26 10.95 1.23 -2.03
CA GLY A 26 11.30 1.72 -3.34
C GLY A 26 11.72 0.62 -4.28
N LEU A 27 12.95 0.13 -4.11
CA LEU A 27 13.47 -0.95 -4.95
C LEU A 27 12.88 -2.29 -4.56
N THR A 28 12.71 -2.49 -3.26
CA THR A 28 12.15 -3.75 -2.75
C THR A 28 10.66 -3.59 -2.44
N GLY A 29 9.95 -2.89 -3.32
CA GLY A 29 8.53 -2.68 -3.13
C GLY A 29 7.69 -3.70 -3.88
N PHE A 30 7.17 -4.69 -3.15
CA PHE A 30 6.35 -5.73 -3.76
C PHE A 30 4.87 -5.37 -3.68
N MET A 31 4.24 -5.23 -4.85
CA MET A 31 2.83 -4.89 -4.92
C MET A 31 1.96 -6.14 -4.91
N CYS A 32 1.43 -6.47 -3.74
CA CYS A 32 0.58 -7.66 -3.59
C CYS A 32 -0.52 -7.66 -4.65
N ARG A 33 -1.28 -8.76 -4.70
CA ARG A 33 -2.36 -8.90 -5.65
C ARG A 33 -3.58 -8.08 -5.22
N CYS A 34 -3.86 -8.10 -3.92
CA CYS A 34 -5.00 -7.37 -3.38
C CYS A 34 -5.01 -5.92 -3.88
N GLY A 35 -3.82 -5.37 -4.10
CA GLY A 35 -3.72 -4.00 -4.58
C GLY A 35 -2.98 -3.10 -3.62
N THR A 36 -1.99 -3.66 -2.92
CA THR A 36 -1.21 -2.90 -1.96
C THR A 36 0.28 -3.11 -2.17
N THR A 37 1.09 -2.26 -1.55
CA THR A 37 2.54 -2.35 -1.67
C THR A 37 3.19 -2.61 -0.31
N PHE A 38 3.99 -3.67 -0.24
CA PHE A 38 4.68 -4.02 1.00
C PHE A 38 6.19 -4.06 0.79
N CYS A 39 6.92 -4.33 1.88
CA CYS A 39 8.37 -4.40 1.82
C CYS A 39 8.84 -5.84 1.61
N GLY A 40 10.15 -6.01 1.49
CA GLY A 40 10.71 -7.34 1.29
C GLY A 40 10.41 -8.28 2.44
N SER A 41 10.12 -7.71 3.60
CA SER A 41 9.83 -8.50 4.79
C SER A 41 8.32 -8.69 4.95
N HIS A 42 7.54 -7.74 4.44
CA HIS A 42 6.09 -7.81 4.53
C HIS A 42 5.46 -8.03 3.15
N ARG A 43 6.26 -8.56 2.23
CA ARG A 43 5.80 -8.81 0.88
C ARG A 43 4.79 -9.96 0.84
N TYR A 44 4.96 -10.90 1.76
CA TYR A 44 4.07 -12.06 1.84
C TYR A 44 2.67 -11.63 2.28
N PRO A 45 1.65 -12.35 1.78
CA PRO A 45 0.25 -12.07 2.10
C PRO A 45 -0.10 -12.41 3.54
N GLU A 46 0.40 -13.55 4.02
CA GLU A 46 0.15 -13.99 5.38
C GLU A 46 0.60 -12.92 6.38
N VAL A 47 1.70 -12.25 6.07
CA VAL A 47 2.24 -11.21 6.95
C VAL A 47 1.21 -10.10 7.16
N HIS A 48 0.68 -9.56 6.07
CA HIS A 48 -0.31 -8.50 6.16
C HIS A 48 -1.71 -9.04 5.99
N GLY A 49 -1.94 -10.27 6.47
CA GLY A 49 -3.24 -10.88 6.36
C GLY A 49 -3.97 -10.49 5.09
N CYS A 50 -3.40 -10.89 3.94
CA CYS A 50 -4.00 -10.57 2.65
C CYS A 50 -5.52 -10.76 2.69
N THR A 51 -6.24 -9.68 2.41
CA THR A 51 -7.70 -9.73 2.42
C THR A 51 -8.23 -10.57 1.26
N PHE A 52 -8.20 -11.88 1.44
CA PHE A 52 -8.67 -12.81 0.41
C PHE A 52 -10.18 -12.98 0.48
N ASP A 53 -10.82 -13.07 -0.68
CA ASP A 53 -12.26 -13.23 -0.75
C ASP A 53 -12.63 -14.61 -1.30
N PHE A 54 -11.88 -15.62 -0.89
CA PHE A 54 -12.13 -16.99 -1.33
C PHE A 54 -12.76 -17.00 -2.72
N LYS A 55 -12.14 -16.29 -3.66
CA LYS A 55 -12.64 -16.22 -5.03
C LYS A 55 -12.02 -17.30 -5.89
N SER A 56 -12.50 -17.41 -7.13
CA SER A 56 -11.99 -18.42 -8.06
C SER A 56 -10.94 -17.82 -8.98
N ALA A 57 -10.30 -18.67 -9.78
CA ALA A 57 -9.28 -18.21 -10.71
C ALA A 57 -9.83 -18.11 -12.14
N GLY A 58 -10.29 -19.24 -12.66
CA GLY A 58 -10.83 -19.26 -14.01
C GLY A 58 -12.26 -19.78 -14.04
N SER A 59 -13.11 -19.23 -13.19
CA SER A 59 -14.50 -19.64 -13.12
C SER A 59 -15.15 -19.59 -14.50
N GLY A 60 -16.39 -20.04 -14.58
CA GLY A 60 -17.11 -20.04 -15.85
C GLY A 60 -17.20 -18.66 -16.46
N PRO A 61 -18.05 -18.52 -17.48
CA PRO A 61 -18.24 -17.24 -18.18
C PRO A 61 -18.96 -16.21 -17.31
N SER A 62 -19.18 -16.56 -16.05
CA SER A 62 -19.85 -15.66 -15.12
C SER A 62 -19.58 -14.20 -15.46
N SER A 63 -20.49 -13.59 -16.20
CA SER A 63 -20.35 -12.20 -16.61
C SER A 63 -20.58 -11.27 -15.43
N GLY A 64 -19.59 -10.41 -15.16
CA GLY A 64 -19.70 -9.47 -14.06
C GLY A 64 -18.66 -8.38 -14.13
ZN ZN B . 6.80 -3.16 5.75
ZN ZN C . -2.31 -8.92 -0.18
N GLY A 1 26.69 41.81 0.13
CA GLY A 1 27.08 40.70 1.00
C GLY A 1 26.88 39.35 0.35
N SER A 2 26.49 38.37 1.15
CA SER A 2 26.26 37.02 0.64
C SER A 2 25.36 36.23 1.58
N SER A 3 24.25 35.73 1.04
CA SER A 3 23.30 34.96 1.83
C SER A 3 22.40 34.10 0.93
N GLY A 4 22.04 32.92 1.41
CA GLY A 4 21.20 32.04 0.64
C GLY A 4 20.33 31.16 1.51
N SER A 5 19.46 30.36 0.88
CA SER A 5 18.57 29.47 1.61
C SER A 5 18.12 28.30 0.73
N SER A 6 18.64 27.12 1.01
CA SER A 6 18.31 25.92 0.25
C SER A 6 17.15 25.17 0.90
N GLY A 7 16.18 24.77 0.10
CA GLY A 7 15.03 24.05 0.61
C GLY A 7 15.40 22.65 1.09
N GLN A 8 14.96 21.64 0.34
CA GLN A 8 15.24 20.25 0.68
C GLN A 8 15.60 19.44 -0.56
N PRO A 9 16.89 19.10 -0.70
CA PRO A 9 17.39 18.33 -1.84
C PRO A 9 16.91 16.88 -1.80
N SER A 10 16.70 16.29 -2.98
CA SER A 10 16.25 14.92 -3.08
C SER A 10 14.89 14.74 -2.41
N PRO A 11 13.92 15.57 -2.83
CA PRO A 11 12.55 15.54 -2.29
C PRO A 11 11.80 14.29 -2.72
N PRO A 12 11.13 13.63 -1.75
CA PRO A 12 10.35 12.42 -2.00
C PRO A 12 9.10 12.69 -2.82
N GLN A 13 9.13 12.31 -4.09
CA GLN A 13 7.99 12.52 -4.97
C GLN A 13 6.91 11.47 -4.73
N ARG A 14 6.13 11.67 -3.66
CA ARG A 14 5.07 10.74 -3.32
C ARG A 14 5.49 9.29 -3.59
N PRO A 15 6.63 8.89 -3.01
CA PRO A 15 7.17 7.53 -3.18
C PRO A 15 6.32 6.49 -2.47
N ASN A 16 6.33 5.27 -3.01
CA ASN A 16 5.56 4.17 -2.43
C ASN A 16 5.97 3.92 -0.99
N ARG A 17 5.00 3.54 -0.17
CA ARG A 17 5.25 3.28 1.25
C ARG A 17 4.56 1.99 1.70
N CYS A 18 5.33 1.10 2.31
CA CYS A 18 4.80 -0.17 2.79
C CYS A 18 3.52 0.04 3.60
N THR A 19 2.47 -0.70 3.26
CA THR A 19 1.19 -0.59 3.96
C THR A 19 1.24 -1.31 5.29
N VAL A 20 2.44 -1.73 5.70
CA VAL A 20 2.62 -2.43 6.96
C VAL A 20 3.51 -1.63 7.91
N CYS A 21 4.65 -1.19 7.40
CA CYS A 21 5.59 -0.41 8.20
C CYS A 21 5.89 0.93 7.54
N ARG A 22 5.41 1.10 6.32
CA ARG A 22 5.62 2.34 5.57
C ARG A 22 7.10 2.67 5.48
N LYS A 23 7.88 1.73 4.96
CA LYS A 23 9.32 1.92 4.81
C LYS A 23 9.66 2.51 3.44
N ARG A 24 8.80 3.41 2.97
CA ARG A 24 9.00 4.06 1.68
C ARG A 24 9.59 3.08 0.67
N VAL A 25 9.05 1.86 0.65
CA VAL A 25 9.53 0.83 -0.26
C VAL A 25 9.66 1.37 -1.68
N GLY A 26 10.90 1.49 -2.16
CA GLY A 26 11.14 1.99 -3.50
C GLY A 26 10.94 0.94 -4.56
N LEU A 27 11.88 0.85 -5.49
CA LEU A 27 11.80 -0.13 -6.57
C LEU A 27 11.64 -1.54 -6.02
N THR A 28 12.52 -1.92 -5.09
CA THR A 28 12.46 -3.24 -4.48
C THR A 28 11.06 -3.56 -3.97
N GLY A 29 10.39 -2.54 -3.44
CA GLY A 29 9.04 -2.73 -2.92
C GLY A 29 8.21 -3.65 -3.79
N PHE A 30 7.31 -4.41 -3.17
CA PHE A 30 6.46 -5.33 -3.90
C PHE A 30 4.99 -4.89 -3.83
N MET A 31 4.23 -5.26 -4.85
CA MET A 31 2.81 -4.90 -4.90
C MET A 31 1.93 -6.15 -4.84
N CYS A 32 1.45 -6.45 -3.63
CA CYS A 32 0.60 -7.62 -3.43
C CYS A 32 -0.52 -7.67 -4.47
N ARG A 33 -1.12 -8.85 -4.64
CA ARG A 33 -2.19 -9.03 -5.61
C ARG A 33 -3.43 -8.23 -5.20
N CYS A 34 -3.77 -8.29 -3.91
CA CYS A 34 -4.93 -7.58 -3.40
C CYS A 34 -4.96 -6.15 -3.92
N GLY A 35 -3.78 -5.57 -4.13
CA GLY A 35 -3.69 -4.21 -4.63
C GLY A 35 -3.03 -3.27 -3.64
N THR A 36 -1.98 -3.76 -2.98
CA THR A 36 -1.24 -2.97 -2.00
C THR A 36 0.27 -3.13 -2.18
N THR A 37 1.03 -2.27 -1.52
CA THR A 37 2.48 -2.31 -1.60
C THR A 37 3.11 -2.63 -0.25
N PHE A 38 4.05 -3.56 -0.24
CA PHE A 38 4.71 -3.97 0.99
C PHE A 38 6.23 -4.07 0.78
N CYS A 39 6.95 -4.33 1.86
CA CYS A 39 8.40 -4.46 1.79
C CYS A 39 8.81 -5.91 1.63
N GLY A 40 9.99 -6.14 1.06
CA GLY A 40 10.47 -7.50 0.86
C GLY A 40 10.23 -8.38 2.07
N SER A 41 10.08 -7.75 3.23
CA SER A 41 9.85 -8.48 4.47
C SER A 41 8.36 -8.71 4.71
N HIS A 42 7.54 -7.74 4.30
CA HIS A 42 6.10 -7.83 4.46
C HIS A 42 5.42 -8.02 3.11
N ARG A 43 6.15 -8.57 2.15
CA ARG A 43 5.62 -8.80 0.80
C ARG A 43 4.60 -9.95 0.82
N TYR A 44 4.81 -10.90 1.72
CA TYR A 44 3.93 -12.04 1.83
C TYR A 44 2.53 -11.63 2.29
N PRO A 45 1.51 -12.34 1.82
CA PRO A 45 0.12 -12.06 2.17
C PRO A 45 -0.19 -12.40 3.63
N GLU A 46 0.28 -13.55 4.09
CA GLU A 46 0.06 -13.98 5.46
C GLU A 46 0.55 -12.92 6.44
N VAL A 47 1.69 -12.31 6.14
CA VAL A 47 2.27 -11.29 7.00
C VAL A 47 1.27 -10.17 7.27
N HIS A 48 0.70 -9.62 6.20
CA HIS A 48 -0.28 -8.54 6.33
C HIS A 48 -1.70 -9.08 6.18
N GLY A 49 -1.91 -10.29 6.69
CA GLY A 49 -3.23 -10.90 6.60
C GLY A 49 -3.98 -10.48 5.36
N CYS A 50 -3.46 -10.86 4.19
CA CYS A 50 -4.09 -10.53 2.92
C CYS A 50 -5.61 -10.65 3.01
N THR A 51 -6.31 -9.69 2.42
CA THR A 51 -7.77 -9.69 2.44
C THR A 51 -8.33 -9.34 1.07
N PHE A 52 -8.84 -10.35 0.38
CA PHE A 52 -9.41 -10.16 -0.96
C PHE A 52 -10.94 -10.27 -0.91
N ASP A 53 -11.61 -9.13 -1.07
CA ASP A 53 -13.07 -9.10 -1.06
C ASP A 53 -13.65 -10.18 -1.97
N PHE A 54 -14.27 -11.18 -1.36
CA PHE A 54 -14.87 -12.28 -2.12
C PHE A 54 -16.30 -11.94 -2.53
N LYS A 55 -16.46 -11.48 -3.77
CA LYS A 55 -17.77 -11.12 -4.29
C LYS A 55 -18.83 -12.11 -3.82
N SER A 56 -20.04 -11.61 -3.57
CA SER A 56 -21.14 -12.45 -3.11
C SER A 56 -22.47 -11.73 -3.29
N ALA A 57 -23.52 -12.51 -3.56
CA ALA A 57 -24.86 -11.96 -3.75
C ALA A 57 -25.60 -11.85 -2.43
N GLY A 58 -25.58 -12.93 -1.66
CA GLY A 58 -26.27 -12.92 -0.37
C GLY A 58 -26.38 -14.32 0.22
N SER A 59 -25.25 -15.03 0.27
CA SER A 59 -25.22 -16.38 0.82
C SER A 59 -25.25 -16.35 2.34
N GLY A 60 -24.26 -15.70 2.93
CA GLY A 60 -24.19 -15.61 4.38
C GLY A 60 -23.16 -16.55 4.97
N PRO A 61 -22.51 -16.11 6.05
CA PRO A 61 -21.48 -16.91 6.73
C PRO A 61 -22.07 -18.11 7.46
N SER A 62 -23.31 -18.46 7.12
CA SER A 62 -23.99 -19.58 7.75
C SER A 62 -24.19 -19.35 9.24
N SER A 63 -24.58 -18.13 9.59
CA SER A 63 -24.81 -17.77 10.99
C SER A 63 -23.79 -18.47 11.89
N GLY A 64 -22.54 -18.49 11.46
CA GLY A 64 -21.49 -19.12 12.24
C GLY A 64 -21.53 -18.72 13.70
ZN ZN B . 6.91 -3.23 5.73
ZN ZN C . -2.42 -8.96 0.02
N GLY A 1 1.45 31.65 18.29
CA GLY A 1 1.54 30.24 17.95
C GLY A 1 2.78 29.90 17.15
N SER A 2 3.10 30.76 16.18
CA SER A 2 4.27 30.54 15.34
C SER A 2 4.20 29.19 14.64
N SER A 3 3.02 28.84 14.16
CA SER A 3 2.81 27.57 13.48
C SER A 3 2.80 27.76 11.97
N GLY A 4 2.93 26.65 11.23
CA GLY A 4 2.94 26.73 9.79
C GLY A 4 3.81 25.65 9.15
N SER A 5 4.53 26.02 8.11
CA SER A 5 5.41 25.08 7.41
C SER A 5 6.65 24.77 8.25
N SER A 6 6.51 23.82 9.16
CA SER A 6 7.63 23.43 10.02
C SER A 6 8.82 22.96 9.20
N GLY A 7 8.57 22.00 8.32
CA GLY A 7 9.64 21.47 7.48
C GLY A 7 9.11 20.59 6.36
N GLN A 8 9.39 19.29 6.43
CA GLN A 8 8.95 18.35 5.42
C GLN A 8 9.07 18.96 4.03
N PRO A 9 10.27 19.43 3.69
CA PRO A 9 10.55 20.04 2.40
C PRO A 9 10.54 19.03 1.25
N SER A 10 10.25 17.78 1.59
CA SER A 10 10.20 16.71 0.61
C SER A 10 8.79 16.56 0.03
N PRO A 11 8.66 16.82 -1.28
CA PRO A 11 7.38 16.73 -1.98
C PRO A 11 6.90 15.29 -2.12
N PRO A 12 5.80 14.95 -1.42
CA PRO A 12 5.23 13.60 -1.45
C PRO A 12 4.59 13.29 -2.81
N GLN A 13 5.39 12.76 -3.72
CA GLN A 13 4.90 12.40 -5.05
C GLN A 13 4.48 10.93 -5.10
N ARG A 14 3.24 10.66 -4.69
CA ARG A 14 2.72 9.29 -4.69
C ARG A 14 3.83 8.30 -4.32
N PRO A 15 4.49 8.55 -3.18
CA PRO A 15 5.56 7.68 -2.69
C PRO A 15 5.04 6.33 -2.20
N ASN A 16 5.57 5.26 -2.78
CA ASN A 16 5.17 3.91 -2.40
C ASN A 16 5.65 3.57 -1.00
N ARG A 17 4.75 3.63 -0.04
CA ARG A 17 5.08 3.33 1.35
C ARG A 17 4.41 2.04 1.80
N CYS A 18 5.20 1.14 2.40
CA CYS A 18 4.68 -0.14 2.88
C CYS A 18 3.45 0.06 3.76
N THR A 19 2.37 -0.63 3.42
CA THR A 19 1.14 -0.54 4.18
C THR A 19 1.23 -1.29 5.50
N VAL A 20 2.43 -1.75 5.82
CA VAL A 20 2.66 -2.48 7.06
C VAL A 20 3.62 -1.73 7.99
N CYS A 21 4.70 -1.23 7.41
CA CYS A 21 5.70 -0.48 8.17
C CYS A 21 5.97 0.88 7.54
N ARG A 22 5.41 1.10 6.36
CA ARG A 22 5.58 2.36 5.65
C ARG A 22 7.06 2.70 5.51
N LYS A 23 7.82 1.77 4.92
CA LYS A 23 9.25 1.98 4.72
C LYS A 23 9.53 2.51 3.32
N ARG A 24 8.68 3.40 2.85
CA ARG A 24 8.84 3.99 1.52
C ARG A 24 9.53 3.02 0.58
N VAL A 25 8.97 1.81 0.47
CA VAL A 25 9.53 0.79 -0.41
C VAL A 25 9.76 1.33 -1.82
N GLY A 26 10.56 0.62 -2.60
CA GLY A 26 10.84 1.04 -3.95
C GLY A 26 11.06 -0.13 -4.89
N LEU A 27 12.16 -0.11 -5.64
CA LEU A 27 12.47 -1.17 -6.59
C LEU A 27 12.21 -2.54 -5.96
N THR A 28 12.63 -2.71 -4.72
CA THR A 28 12.44 -3.97 -4.01
C THR A 28 10.99 -4.17 -3.62
N GLY A 29 10.34 -3.08 -3.19
CA GLY A 29 8.95 -3.16 -2.79
C GLY A 29 8.15 -4.14 -3.62
N PHE A 30 7.19 -4.81 -2.99
CA PHE A 30 6.35 -5.78 -3.69
C PHE A 30 4.88 -5.39 -3.62
N MET A 31 4.24 -5.29 -4.78
CA MET A 31 2.84 -4.92 -4.84
C MET A 31 1.96 -6.16 -4.82
N CYS A 32 1.45 -6.50 -3.63
CA CYS A 32 0.59 -7.66 -3.47
C CYS A 32 -0.49 -7.69 -4.55
N ARG A 33 -1.18 -8.83 -4.67
CA ARG A 33 -2.23 -8.99 -5.66
C ARG A 33 -3.48 -8.19 -5.26
N CYS A 34 -3.79 -8.20 -3.97
CA CYS A 34 -4.95 -7.48 -3.46
C CYS A 34 -4.98 -6.05 -3.99
N GLY A 35 -3.80 -5.49 -4.21
CA GLY A 35 -3.71 -4.13 -4.72
C GLY A 35 -3.02 -3.19 -3.75
N THR A 36 -2.00 -3.70 -3.06
CA THR A 36 -1.25 -2.91 -2.09
C THR A 36 0.24 -3.10 -2.26
N THR A 37 1.03 -2.25 -1.61
CA THR A 37 2.48 -2.33 -1.68
C THR A 37 3.09 -2.65 -0.32
N PHE A 38 4.06 -3.56 -0.31
CA PHE A 38 4.71 -3.95 0.94
C PHE A 38 6.22 -4.05 0.74
N CYS A 39 6.95 -4.28 1.83
CA CYS A 39 8.40 -4.40 1.78
C CYS A 39 8.82 -5.86 1.62
N GLY A 40 10.03 -6.06 1.09
CA GLY A 40 10.53 -7.41 0.89
C GLY A 40 10.31 -8.30 2.09
N SER A 41 10.11 -7.68 3.26
CA SER A 41 9.89 -8.42 4.49
C SER A 41 8.40 -8.65 4.73
N HIS A 42 7.58 -7.71 4.26
CA HIS A 42 6.14 -7.80 4.42
C HIS A 42 5.45 -8.00 3.07
N ARG A 43 6.20 -8.53 2.11
CA ARG A 43 5.66 -8.77 0.77
C ARG A 43 4.67 -9.93 0.78
N TYR A 44 4.84 -10.84 1.75
CA TYR A 44 3.96 -12.00 1.87
C TYR A 44 2.56 -11.57 2.29
N PRO A 45 1.55 -12.32 1.82
CA PRO A 45 0.15 -12.05 2.14
C PRO A 45 -0.19 -12.34 3.60
N GLU A 46 0.34 -13.44 4.11
CA GLU A 46 0.09 -13.83 5.49
C GLU A 46 0.60 -12.75 6.45
N VAL A 47 1.72 -12.13 6.11
CA VAL A 47 2.29 -11.07 6.94
C VAL A 47 1.30 -9.94 7.16
N HIS A 48 0.70 -9.46 6.07
CA HIS A 48 -0.27 -8.38 6.14
C HIS A 48 -1.69 -8.91 6.02
N GLY A 49 -1.90 -10.13 6.50
CA GLY A 49 -3.22 -10.74 6.43
C GLY A 49 -3.98 -10.35 5.18
N CYS A 50 -3.50 -10.82 4.04
CA CYS A 50 -4.14 -10.52 2.76
C CYS A 50 -5.66 -10.59 2.88
N THR A 51 -6.34 -9.62 2.28
CA THR A 51 -7.79 -9.57 2.32
C THR A 51 -8.40 -10.44 1.23
N PHE A 52 -7.81 -11.60 1.01
CA PHE A 52 -8.28 -12.53 -0.01
C PHE A 52 -9.49 -13.32 0.49
N ASP A 53 -10.63 -13.10 -0.15
CA ASP A 53 -11.86 -13.79 0.24
C ASP A 53 -11.96 -15.15 -0.45
N PHE A 54 -11.73 -16.21 0.31
CA PHE A 54 -11.79 -17.57 -0.22
C PHE A 54 -13.15 -17.85 -0.84
N LYS A 55 -13.30 -19.04 -1.40
CA LYS A 55 -14.55 -19.44 -2.04
C LYS A 55 -15.53 -19.97 -1.00
N SER A 56 -16.74 -19.43 -1.00
CA SER A 56 -17.78 -19.84 -0.06
C SER A 56 -19.16 -19.56 -0.60
N ALA A 57 -20.19 -19.97 0.14
CA ALA A 57 -21.58 -19.75 -0.26
C ALA A 57 -21.73 -18.44 -1.02
N GLY A 58 -22.50 -18.47 -2.10
CA GLY A 58 -22.70 -17.27 -2.90
C GLY A 58 -22.99 -16.05 -2.05
N SER A 59 -22.70 -14.87 -2.58
CA SER A 59 -22.92 -13.63 -1.87
C SER A 59 -23.43 -12.54 -2.81
N GLY A 60 -24.69 -12.16 -2.63
CA GLY A 60 -25.28 -11.14 -3.48
C GLY A 60 -25.10 -9.74 -2.90
N PRO A 61 -26.19 -8.96 -2.87
CA PRO A 61 -26.17 -7.60 -2.35
C PRO A 61 -25.97 -7.55 -0.84
N SER A 62 -24.73 -7.32 -0.42
CA SER A 62 -24.40 -7.26 1.00
C SER A 62 -24.76 -5.89 1.58
N SER A 63 -25.94 -5.41 1.26
CA SER A 63 -26.41 -4.12 1.74
C SER A 63 -27.64 -4.27 2.63
N GLY A 64 -27.40 -4.43 3.93
CA GLY A 64 -28.49 -4.59 4.87
C GLY A 64 -29.24 -3.30 5.10
ZN ZN B . 6.85 -3.29 5.69
ZN ZN C . -2.51 -8.95 -0.09
N GLY A 1 3.52 46.81 7.33
CA GLY A 1 4.59 45.99 7.83
C GLY A 1 5.09 44.98 6.83
N SER A 2 6.15 44.26 7.19
CA SER A 2 6.72 43.25 6.30
C SER A 2 6.56 41.85 6.89
N SER A 3 5.46 41.18 6.53
CA SER A 3 5.18 39.84 7.02
C SER A 3 5.57 38.79 5.99
N GLY A 4 6.12 37.67 6.48
CA GLY A 4 6.53 36.60 5.58
C GLY A 4 6.12 35.24 6.08
N SER A 5 6.23 34.23 5.22
CA SER A 5 5.86 32.86 5.59
C SER A 5 6.60 31.85 4.70
N SER A 6 6.63 30.60 5.16
CA SER A 6 7.30 29.54 4.41
C SER A 6 7.03 28.18 5.05
N GLY A 7 7.05 27.13 4.23
CA GLY A 7 6.81 25.80 4.72
C GLY A 7 6.96 24.74 3.65
N GLN A 8 7.53 23.60 4.01
CA GLN A 8 7.73 22.51 3.08
C GLN A 8 6.43 22.14 2.37
N PRO A 9 6.48 22.05 1.03
CA PRO A 9 5.31 21.71 0.22
C PRO A 9 4.90 20.25 0.40
N SER A 10 5.88 19.37 0.55
CA SER A 10 5.61 17.95 0.72
C SER A 10 4.65 17.44 -0.34
N PRO A 11 5.00 17.67 -1.62
CA PRO A 11 4.19 17.24 -2.75
C PRO A 11 4.17 15.72 -2.93
N PRO A 12 2.98 15.13 -2.80
CA PRO A 12 2.80 13.68 -2.94
C PRO A 12 2.99 13.21 -4.37
N GLN A 13 4.20 12.76 -4.68
CA GLN A 13 4.51 12.27 -6.02
C GLN A 13 4.36 10.76 -6.10
N ARG A 14 3.14 10.29 -6.27
CA ARG A 14 2.87 8.86 -6.36
C ARG A 14 3.72 8.08 -5.35
N PRO A 15 3.63 8.47 -4.08
CA PRO A 15 4.39 7.83 -3.00
C PRO A 15 3.88 6.43 -2.69
N ASN A 16 4.81 5.47 -2.64
CA ASN A 16 4.46 4.08 -2.36
C ASN A 16 5.13 3.59 -1.09
N ARG A 17 4.46 3.78 0.04
CA ARG A 17 4.99 3.36 1.33
C ARG A 17 4.35 2.05 1.79
N CYS A 18 5.13 1.20 2.43
CA CYS A 18 4.64 -0.08 2.91
C CYS A 18 3.41 0.12 3.81
N THR A 19 2.34 -0.58 3.48
CA THR A 19 1.10 -0.48 4.24
C THR A 19 1.20 -1.25 5.56
N VAL A 20 2.41 -1.69 5.88
CA VAL A 20 2.64 -2.44 7.11
C VAL A 20 3.60 -1.68 8.02
N CYS A 21 4.69 -1.19 7.46
CA CYS A 21 5.69 -0.45 8.22
C CYS A 21 5.96 0.91 7.59
N ARG A 22 5.39 1.14 6.40
CA ARG A 22 5.58 2.39 5.69
C ARG A 22 7.05 2.72 5.52
N LYS A 23 7.80 1.79 4.94
CA LYS A 23 9.23 1.97 4.73
C LYS A 23 9.50 2.53 3.34
N ARG A 24 8.58 3.36 2.85
CA ARG A 24 8.73 3.97 1.53
C ARG A 24 9.43 3.01 0.56
N VAL A 25 9.01 1.75 0.59
CA VAL A 25 9.59 0.73 -0.29
C VAL A 25 9.89 1.31 -1.67
N GLY A 26 9.13 2.32 -2.07
CA GLY A 26 9.33 2.93 -3.37
C GLY A 26 8.88 2.03 -4.51
N LEU A 27 9.39 2.32 -5.71
CA LEU A 27 9.03 1.53 -6.88
C LEU A 27 9.36 0.06 -6.67
N THR A 28 10.59 -0.22 -6.28
CA THR A 28 11.03 -1.60 -6.04
C THR A 28 10.04 -2.34 -5.17
N GLY A 29 9.51 -1.66 -4.15
CA GLY A 29 8.55 -2.27 -3.25
C GLY A 29 7.62 -3.22 -3.98
N PHE A 30 7.37 -4.38 -3.36
CA PHE A 30 6.49 -5.39 -3.94
C PHE A 30 5.03 -4.93 -3.87
N MET A 31 4.25 -5.35 -4.86
CA MET A 31 2.83 -4.99 -4.90
C MET A 31 1.95 -6.24 -4.84
N CYS A 32 1.43 -6.54 -3.66
CA CYS A 32 0.57 -7.70 -3.46
C CYS A 32 -0.53 -7.74 -4.51
N ARG A 33 -1.19 -8.89 -4.63
CA ARG A 33 -2.26 -9.06 -5.60
C ARG A 33 -3.50 -8.26 -5.19
N CYS A 34 -3.84 -8.32 -3.90
CA CYS A 34 -4.99 -7.60 -3.38
C CYS A 34 -5.04 -6.18 -3.92
N GLY A 35 -3.86 -5.60 -4.13
CA GLY A 35 -3.78 -4.24 -4.65
C GLY A 35 -3.11 -3.29 -3.68
N THR A 36 -2.07 -3.77 -3.01
CA THR A 36 -1.33 -2.96 -2.05
C THR A 36 0.18 -3.08 -2.26
N THR A 37 0.93 -2.31 -1.50
CA THR A 37 2.39 -2.34 -1.60
C THR A 37 3.03 -2.64 -0.25
N PHE A 38 4.00 -3.54 -0.26
CA PHE A 38 4.70 -3.92 0.97
C PHE A 38 6.20 -4.02 0.74
N CYS A 39 6.94 -4.27 1.81
CA CYS A 39 8.39 -4.37 1.72
C CYS A 39 8.83 -5.82 1.53
N GLY A 40 10.12 -6.03 1.28
CA GLY A 40 10.63 -7.37 1.07
C GLY A 40 10.39 -8.27 2.26
N SER A 41 10.10 -7.67 3.41
CA SER A 41 9.85 -8.42 4.63
C SER A 41 8.35 -8.61 4.86
N HIS A 42 7.55 -7.71 4.29
CA HIS A 42 6.10 -7.78 4.42
C HIS A 42 5.44 -7.97 3.06
N ARG A 43 6.19 -8.52 2.12
CA ARG A 43 5.67 -8.75 0.77
C ARG A 43 4.67 -9.90 0.77
N TYR A 44 4.85 -10.84 1.69
CA TYR A 44 3.96 -12.00 1.79
C TYR A 44 2.56 -11.57 2.25
N PRO A 45 1.55 -12.28 1.75
CA PRO A 45 0.14 -12.00 2.10
C PRO A 45 -0.18 -12.36 3.55
N GLU A 46 0.32 -13.51 4.00
CA GLU A 46 0.09 -13.96 5.36
C GLU A 46 0.56 -12.92 6.37
N VAL A 47 1.68 -12.27 6.07
CA VAL A 47 2.24 -11.25 6.95
C VAL A 47 1.23 -10.15 7.23
N HIS A 48 0.72 -9.53 6.16
CA HIS A 48 -0.26 -8.46 6.28
C HIS A 48 -1.67 -9.00 6.17
N GLY A 49 -1.89 -10.22 6.68
CA GLY A 49 -3.20 -10.83 6.61
C GLY A 49 -3.95 -10.45 5.35
N CYS A 50 -3.47 -10.92 4.21
CA CYS A 50 -4.10 -10.62 2.93
C CYS A 50 -5.61 -10.90 2.99
N THR A 51 -6.39 -9.83 2.95
CA THR A 51 -7.85 -9.96 3.00
C THR A 51 -8.48 -9.64 1.65
N PHE A 52 -7.83 -10.11 0.58
CA PHE A 52 -8.32 -9.89 -0.77
C PHE A 52 -9.84 -10.02 -0.82
N ASP A 53 -10.50 -9.02 -1.42
CA ASP A 53 -11.95 -9.03 -1.54
C ASP A 53 -12.38 -9.51 -2.92
N PHE A 54 -12.93 -10.73 -2.98
CA PHE A 54 -13.38 -11.29 -4.24
C PHE A 54 -14.69 -10.67 -4.68
N LYS A 55 -15.00 -10.79 -5.96
CA LYS A 55 -16.23 -10.24 -6.52
C LYS A 55 -17.45 -10.75 -5.76
N SER A 56 -18.57 -10.06 -5.91
CA SER A 56 -19.81 -10.45 -5.24
C SER A 56 -20.57 -11.48 -6.08
N ALA A 57 -20.93 -12.59 -5.45
CA ALA A 57 -21.67 -13.64 -6.13
C ALA A 57 -22.37 -14.57 -5.13
N GLY A 58 -23.70 -14.56 -5.13
CA GLY A 58 -24.44 -15.40 -4.22
C GLY A 58 -25.91 -15.01 -4.15
N SER A 59 -26.72 -15.61 -5.02
CA SER A 59 -28.15 -15.33 -5.05
C SER A 59 -28.95 -16.44 -4.38
N GLY A 60 -29.77 -16.06 -3.41
CA GLY A 60 -30.57 -17.05 -2.70
C GLY A 60 -30.99 -16.56 -1.32
N PRO A 61 -30.00 -16.39 -0.42
CA PRO A 61 -30.25 -15.93 0.95
C PRO A 61 -30.69 -14.47 0.99
N SER A 62 -31.05 -13.93 -0.16
CA SER A 62 -31.49 -12.53 -0.25
C SER A 62 -32.16 -12.09 1.06
N SER A 63 -31.50 -11.19 1.77
CA SER A 63 -32.03 -10.68 3.04
C SER A 63 -32.07 -9.16 3.03
N GLY A 64 -33.25 -8.60 3.30
CA GLY A 64 -33.41 -7.16 3.33
C GLY A 64 -34.85 -6.73 3.52
ZN ZN B . 6.90 -3.33 5.64
ZN ZN C . -2.39 -8.96 0.01
N GLY A 1 25.99 30.63 18.37
CA GLY A 1 26.43 30.04 17.12
C GLY A 1 25.30 29.37 16.37
N SER A 2 24.30 30.15 15.98
CA SER A 2 23.16 29.64 15.25
C SER A 2 22.63 30.66 14.25
N SER A 3 22.42 30.23 13.01
CA SER A 3 21.93 31.11 11.96
C SER A 3 21.43 30.30 10.76
N GLY A 4 20.34 30.77 10.15
CA GLY A 4 19.79 30.07 9.00
C GLY A 4 18.65 29.17 9.37
N SER A 5 17.55 29.25 8.61
CA SER A 5 16.38 28.42 8.86
C SER A 5 15.90 27.74 7.58
N SER A 6 16.28 26.48 7.40
CA SER A 6 15.91 25.72 6.21
C SER A 6 16.10 24.22 6.44
N GLY A 7 15.65 23.43 5.48
CA GLY A 7 15.80 21.98 5.60
C GLY A 7 14.52 21.25 5.22
N GLN A 8 14.06 21.45 3.99
CA GLN A 8 12.84 20.80 3.52
C GLN A 8 13.12 19.97 2.28
N PRO A 9 13.29 18.65 2.47
CA PRO A 9 13.57 17.72 1.38
C PRO A 9 12.36 17.52 0.46
N SER A 10 12.57 16.80 -0.63
CA SER A 10 11.50 16.55 -1.59
C SER A 10 10.21 16.17 -0.87
N PRO A 11 9.14 16.91 -1.17
CA PRO A 11 7.82 16.67 -0.57
C PRO A 11 7.18 15.38 -1.06
N PRO A 12 6.80 14.51 -0.10
CA PRO A 12 6.17 13.22 -0.42
C PRO A 12 4.77 13.38 -0.97
N GLN A 13 4.67 13.55 -2.28
CA GLN A 13 3.37 13.73 -2.93
C GLN A 13 2.54 12.45 -2.82
N ARG A 14 2.90 11.45 -3.62
CA ARG A 14 2.19 10.18 -3.62
C ARG A 14 3.16 9.01 -3.62
N PRO A 15 4.08 9.00 -2.63
CA PRO A 15 5.09 7.95 -2.49
C PRO A 15 4.48 6.62 -2.06
N ASN A 16 4.98 5.54 -2.64
CA ASN A 16 4.49 4.20 -2.31
C ASN A 16 5.17 3.65 -1.07
N ARG A 17 4.57 3.90 0.09
CA ARG A 17 5.12 3.44 1.35
C ARG A 17 4.43 2.14 1.80
N CYS A 18 5.22 1.25 2.41
CA CYS A 18 4.70 -0.03 2.89
C CYS A 18 3.44 0.18 3.73
N THR A 19 2.37 -0.52 3.37
CA THR A 19 1.11 -0.41 4.10
C THR A 19 1.17 -1.16 5.42
N VAL A 20 2.36 -1.63 5.78
CA VAL A 20 2.57 -2.36 7.02
C VAL A 20 3.54 -1.63 7.94
N CYS A 21 4.62 -1.11 7.36
CA CYS A 21 5.62 -0.39 8.12
C CYS A 21 5.94 0.95 7.48
N ARG A 22 5.35 1.20 6.32
CA ARG A 22 5.57 2.45 5.60
C ARG A 22 7.06 2.75 5.47
N LYS A 23 7.81 1.78 4.92
CA LYS A 23 9.25 1.95 4.74
C LYS A 23 9.56 2.46 3.34
N ARG A 24 8.73 3.36 2.84
CA ARG A 24 8.92 3.93 1.51
C ARG A 24 9.62 2.94 0.59
N VAL A 25 9.07 1.73 0.51
CA VAL A 25 9.64 0.68 -0.34
C VAL A 25 10.14 1.26 -1.65
N GLY A 26 9.56 2.38 -2.07
CA GLY A 26 9.98 3.02 -3.31
C GLY A 26 8.89 2.96 -4.37
N LEU A 27 9.28 3.13 -5.62
CA LEU A 27 8.34 3.11 -6.74
C LEU A 27 7.95 1.67 -7.09
N THR A 28 8.95 0.81 -7.22
CA THR A 28 8.71 -0.59 -7.54
C THR A 28 8.14 -1.35 -6.35
N GLY A 29 8.98 -1.57 -5.34
CA GLY A 29 8.54 -2.28 -4.16
C GLY A 29 7.86 -3.60 -4.49
N PHE A 30 7.06 -4.10 -3.56
CA PHE A 30 6.36 -5.37 -3.76
C PHE A 30 4.85 -5.17 -3.66
N MET A 31 4.22 -4.90 -4.79
CA MET A 31 2.77 -4.69 -4.83
C MET A 31 2.03 -6.02 -4.81
N CYS A 32 1.42 -6.33 -3.66
CA CYS A 32 0.68 -7.58 -3.51
C CYS A 32 -0.41 -7.69 -4.57
N ARG A 33 -1.10 -8.82 -4.58
CA ARG A 33 -2.17 -9.06 -5.54
C ARG A 33 -3.46 -8.35 -5.11
N CYS A 34 -3.70 -8.33 -3.80
CA CYS A 34 -4.90 -7.69 -3.27
C CYS A 34 -5.01 -6.25 -3.76
N GLY A 35 -3.87 -5.63 -4.02
CA GLY A 35 -3.87 -4.26 -4.50
C GLY A 35 -3.20 -3.30 -3.52
N THR A 36 -2.17 -3.79 -2.84
CA THR A 36 -1.45 -2.98 -1.87
C THR A 36 0.06 -3.10 -2.07
N THR A 37 0.81 -2.19 -1.46
CA THR A 37 2.26 -2.20 -1.57
C THR A 37 2.91 -2.51 -0.23
N PHE A 38 3.89 -3.42 -0.24
CA PHE A 38 4.58 -3.83 0.97
C PHE A 38 6.08 -3.92 0.72
N CYS A 39 6.84 -4.19 1.79
CA CYS A 39 8.29 -4.32 1.69
C CYS A 39 8.70 -5.78 1.57
N GLY A 40 9.96 -6.01 1.20
CA GLY A 40 10.46 -7.35 1.05
C GLY A 40 10.19 -8.21 2.28
N SER A 41 10.02 -7.56 3.42
CA SER A 41 9.76 -8.26 4.67
C SER A 41 8.27 -8.48 4.88
N HIS A 42 7.47 -7.59 4.29
CA HIS A 42 6.02 -7.67 4.41
C HIS A 42 5.36 -7.86 3.03
N ARG A 43 6.13 -8.41 2.10
CA ARG A 43 5.64 -8.64 0.75
C ARG A 43 4.69 -9.84 0.71
N TYR A 44 4.88 -10.76 1.64
CA TYR A 44 4.05 -11.95 1.72
C TYR A 44 2.62 -11.60 2.12
N PRO A 45 1.65 -12.37 1.61
CA PRO A 45 0.24 -12.15 1.90
C PRO A 45 -0.11 -12.51 3.35
N GLU A 46 0.42 -13.63 3.82
CA GLU A 46 0.16 -14.08 5.19
C GLU A 46 0.62 -13.03 6.20
N VAL A 47 1.77 -12.43 5.93
CA VAL A 47 2.32 -11.41 6.82
C VAL A 47 1.32 -10.28 7.04
N HIS A 48 0.81 -9.72 5.96
CA HIS A 48 -0.15 -8.63 6.04
C HIS A 48 -1.58 -9.16 5.90
N GLY A 49 -1.83 -10.34 6.45
CA GLY A 49 -3.15 -10.94 6.39
C GLY A 49 -3.85 -10.62 5.08
N CYS A 50 -3.41 -11.25 4.00
CA CYS A 50 -4.00 -11.02 2.69
C CYS A 50 -5.43 -11.56 2.64
N THR A 51 -6.39 -10.66 2.42
CA THR A 51 -7.79 -11.03 2.35
C THR A 51 -8.12 -11.69 1.02
N PHE A 52 -7.83 -12.99 0.92
CA PHE A 52 -8.10 -13.74 -0.30
C PHE A 52 -9.56 -14.15 -0.39
N ASP A 53 -10.08 -14.24 -1.61
CA ASP A 53 -11.47 -14.62 -1.82
C ASP A 53 -11.75 -16.01 -1.26
N PHE A 54 -12.30 -16.07 -0.05
CA PHE A 54 -12.61 -17.34 0.59
C PHE A 54 -13.68 -18.10 -0.20
N LYS A 55 -13.46 -19.40 -0.36
CA LYS A 55 -14.40 -20.24 -1.09
C LYS A 55 -15.79 -20.15 -0.50
N SER A 56 -16.81 -20.35 -1.33
CA SER A 56 -18.19 -20.29 -0.90
C SER A 56 -18.50 -21.38 0.12
N ALA A 57 -19.31 -21.03 1.12
CA ALA A 57 -19.67 -21.99 2.17
C ALA A 57 -21.17 -21.97 2.42
N GLY A 58 -21.71 -23.10 2.87
CA GLY A 58 -23.13 -23.20 3.14
C GLY A 58 -23.52 -24.54 3.71
N SER A 59 -23.17 -25.62 3.01
CA SER A 59 -23.50 -26.96 3.46
C SER A 59 -22.49 -27.45 4.50
N GLY A 60 -23.00 -27.76 5.69
CA GLY A 60 -22.13 -28.22 6.76
C GLY A 60 -22.91 -28.67 7.98
N PRO A 61 -22.21 -28.81 9.12
CA PRO A 61 -22.82 -29.23 10.38
C PRO A 61 -23.76 -28.18 10.96
N SER A 62 -23.28 -26.92 11.00
CA SER A 62 -24.06 -25.82 11.54
C SER A 62 -24.46 -26.09 12.99
N SER A 63 -23.52 -26.62 13.76
CA SER A 63 -23.76 -26.92 15.16
C SER A 63 -24.40 -25.73 15.88
N GLY A 64 -23.77 -24.57 15.73
CA GLY A 64 -24.29 -23.36 16.37
C GLY A 64 -23.55 -23.02 17.65
ZN ZN B . 6.84 -3.36 5.63
ZN ZN C . -2.13 -9.18 -0.18
N GLY A 1 8.25 39.49 10.22
CA GLY A 1 9.44 38.66 10.26
C GLY A 1 9.41 37.54 9.24
N SER A 2 8.61 36.52 9.50
CA SER A 2 8.50 35.38 8.61
C SER A 2 7.47 35.65 7.50
N SER A 3 6.33 36.22 7.88
CA SER A 3 5.28 36.53 6.93
C SER A 3 5.05 35.37 5.98
N GLY A 4 5.06 34.15 6.51
CA GLY A 4 4.86 32.97 5.69
C GLY A 4 5.90 31.91 5.93
N SER A 5 5.44 30.68 6.18
CA SER A 5 6.36 29.57 6.44
C SER A 5 7.56 29.62 5.51
N SER A 6 7.29 29.76 4.21
CA SER A 6 8.36 29.82 3.22
C SER A 6 9.17 28.53 3.20
N GLY A 7 8.48 27.41 3.31
CA GLY A 7 9.14 26.12 3.30
C GLY A 7 8.19 24.96 3.43
N GLN A 8 7.69 24.47 2.29
CA GLN A 8 6.76 23.35 2.29
C GLN A 8 7.48 22.03 2.06
N PRO A 9 6.93 20.94 2.63
CA PRO A 9 7.50 19.60 2.50
C PRO A 9 7.37 19.05 1.09
N SER A 10 8.42 18.37 0.62
CA SER A 10 8.43 17.80 -0.72
C SER A 10 7.04 17.29 -1.09
N PRO A 11 6.63 17.58 -2.33
CA PRO A 11 5.32 17.17 -2.86
C PRO A 11 5.24 15.66 -3.08
N PRO A 12 4.42 14.98 -2.25
CA PRO A 12 4.23 13.53 -2.33
C PRO A 12 3.47 13.12 -3.59
N GLN A 13 4.19 12.95 -4.69
CA GLN A 13 3.58 12.56 -5.95
C GLN A 13 3.01 11.15 -5.86
N ARG A 14 3.88 10.16 -5.89
CA ARG A 14 3.46 8.76 -5.81
C ARG A 14 4.33 7.98 -4.82
N PRO A 15 4.42 8.48 -3.59
CA PRO A 15 5.22 7.85 -2.54
C PRO A 15 4.62 6.53 -2.06
N ASN A 16 5.10 5.43 -2.62
CA ASN A 16 4.62 4.11 -2.25
C ASN A 16 5.26 3.62 -0.97
N ARG A 17 4.56 3.78 0.14
CA ARG A 17 5.07 3.35 1.44
C ARG A 17 4.39 2.07 1.90
N CYS A 18 5.18 1.15 2.46
CA CYS A 18 4.66 -0.12 2.94
C CYS A 18 3.43 0.09 3.82
N THR A 19 2.34 -0.59 3.48
CA THR A 19 1.10 -0.48 4.24
C THR A 19 1.20 -1.21 5.57
N VAL A 20 2.40 -1.70 5.89
CA VAL A 20 2.63 -2.43 7.14
C VAL A 20 3.56 -1.64 8.06
N CYS A 21 4.66 -1.15 7.50
CA CYS A 21 5.64 -0.39 8.27
C CYS A 21 5.93 0.95 7.60
N ARG A 22 5.40 1.14 6.40
CA ARG A 22 5.60 2.38 5.66
C ARG A 22 7.09 2.69 5.51
N LYS A 23 7.84 1.73 4.97
CA LYS A 23 9.27 1.88 4.77
C LYS A 23 9.57 2.44 3.37
N ARG A 24 8.68 3.30 2.88
CA ARG A 24 8.85 3.89 1.56
C ARG A 24 9.55 2.92 0.62
N VAL A 25 9.04 1.69 0.54
CA VAL A 25 9.62 0.66 -0.32
C VAL A 25 9.96 1.24 -1.69
N GLY A 26 9.14 2.19 -2.15
CA GLY A 26 9.37 2.80 -3.45
C GLY A 26 9.63 1.77 -4.53
N LEU A 27 10.30 2.20 -5.60
CA LEU A 27 10.62 1.31 -6.70
C LEU A 27 11.08 -0.05 -6.20
N THR A 28 11.85 -0.05 -5.11
CA THR A 28 12.35 -1.29 -4.54
C THR A 28 11.32 -1.91 -3.60
N GLY A 29 10.07 -1.94 -4.04
CA GLY A 29 9.00 -2.52 -3.24
C GLY A 29 8.17 -3.53 -4.01
N PHE A 30 7.31 -4.25 -3.29
CA PHE A 30 6.46 -5.25 -3.91
C PHE A 30 4.99 -4.84 -3.83
N MET A 31 4.22 -5.25 -4.83
CA MET A 31 2.79 -4.92 -4.87
C MET A 31 1.94 -6.19 -4.84
N CYS A 32 1.49 -6.57 -3.65
CA CYS A 32 0.67 -7.76 -3.49
C CYS A 32 -0.42 -7.82 -4.55
N ARG A 33 -1.07 -8.97 -4.67
CA ARG A 33 -2.14 -9.16 -5.63
C ARG A 33 -3.40 -8.41 -5.22
N CYS A 34 -3.70 -8.44 -3.92
CA CYS A 34 -4.87 -7.77 -3.39
C CYS A 34 -4.96 -6.34 -3.93
N GLY A 35 -3.81 -5.70 -4.12
CA GLY A 35 -3.78 -4.34 -4.62
C GLY A 35 -3.13 -3.38 -3.65
N THR A 36 -2.12 -3.87 -2.92
CA THR A 36 -1.41 -3.04 -1.95
C THR A 36 0.10 -3.14 -2.14
N THR A 37 0.83 -2.24 -1.51
CA THR A 37 2.29 -2.23 -1.61
C THR A 37 2.93 -2.57 -0.26
N PHE A 38 3.93 -3.44 -0.30
CA PHE A 38 4.63 -3.85 0.92
C PHE A 38 6.13 -3.93 0.68
N CYS A 39 6.88 -4.22 1.74
CA CYS A 39 8.33 -4.34 1.64
C CYS A 39 8.76 -5.79 1.49
N GLY A 40 9.95 -6.00 0.93
CA GLY A 40 10.45 -7.35 0.74
C GLY A 40 10.24 -8.23 1.95
N SER A 41 10.05 -7.60 3.11
CA SER A 41 9.84 -8.34 4.35
C SER A 41 8.35 -8.56 4.60
N HIS A 42 7.53 -7.62 4.14
CA HIS A 42 6.08 -7.71 4.31
C HIS A 42 5.38 -7.90 2.97
N ARG A 43 6.11 -8.45 2.00
CA ARG A 43 5.57 -8.69 0.67
C ARG A 43 4.57 -9.84 0.70
N TYR A 44 4.77 -10.78 1.61
CA TYR A 44 3.89 -11.94 1.74
C TYR A 44 2.51 -11.52 2.21
N PRO A 45 1.47 -12.24 1.76
CA PRO A 45 0.08 -11.97 2.12
C PRO A 45 -0.20 -12.29 3.59
N GLU A 46 0.29 -13.44 4.04
CA GLU A 46 0.08 -13.88 5.41
C GLU A 46 0.57 -12.82 6.40
N VAL A 47 1.72 -12.21 6.08
CA VAL A 47 2.29 -11.18 6.94
C VAL A 47 1.29 -10.07 7.22
N HIS A 48 0.70 -9.53 6.16
CA HIS A 48 -0.28 -8.47 6.29
C HIS A 48 -1.70 -9.01 6.18
N GLY A 49 -1.90 -10.23 6.67
CA GLY A 49 -3.21 -10.85 6.61
C GLY A 49 -3.99 -10.45 5.38
N CYS A 50 -3.48 -10.81 4.20
CA CYS A 50 -4.13 -10.48 2.95
C CYS A 50 -5.65 -10.62 3.06
N THR A 51 -6.37 -9.74 2.38
CA THR A 51 -7.83 -9.77 2.42
C THR A 51 -8.41 -9.93 1.01
N PHE A 52 -8.79 -11.16 0.67
CA PHE A 52 -9.36 -11.46 -0.64
C PHE A 52 -10.87 -11.29 -0.63
N ASP A 53 -11.45 -11.13 -1.81
CA ASP A 53 -12.89 -10.97 -1.94
C ASP A 53 -13.62 -12.27 -1.62
N PHE A 54 -14.16 -12.36 -0.40
CA PHE A 54 -14.88 -13.54 0.03
C PHE A 54 -16.38 -13.27 0.13
N LYS A 55 -17.16 -14.32 0.41
CA LYS A 55 -18.60 -14.19 0.53
C LYS A 55 -19.08 -14.74 1.86
N SER A 56 -19.31 -13.84 2.81
CA SER A 56 -19.78 -14.23 4.14
C SER A 56 -20.46 -13.06 4.84
N ALA A 57 -21.73 -13.25 5.20
CA ALA A 57 -22.49 -12.22 5.89
C ALA A 57 -21.81 -11.80 7.19
N GLY A 58 -21.03 -10.72 7.12
CA GLY A 58 -20.34 -10.23 8.29
C GLY A 58 -21.17 -9.25 9.10
N SER A 59 -20.64 -8.04 9.28
CA SER A 59 -21.34 -7.02 10.05
C SER A 59 -22.24 -6.19 9.14
N GLY A 60 -23.56 -6.34 9.34
CA GLY A 60 -24.51 -5.60 8.53
C GLY A 60 -24.56 -4.13 8.89
N PRO A 61 -24.40 -3.27 7.87
CA PRO A 61 -24.42 -1.81 8.06
C PRO A 61 -25.80 -1.29 8.41
N SER A 62 -25.92 0.03 8.55
CA SER A 62 -27.20 0.65 8.89
C SER A 62 -27.72 1.49 7.72
N SER A 63 -28.94 1.20 7.28
CA SER A 63 -29.55 1.91 6.17
C SER A 63 -29.76 3.38 6.52
N GLY A 64 -29.97 4.21 5.50
CA GLY A 64 -30.18 5.63 5.73
C GLY A 64 -31.25 6.21 4.84
ZN ZN B . 6.99 -3.23 5.59
ZN ZN C . -2.28 -9.05 -0.04
N GLY A 1 -6.02 43.53 1.27
CA GLY A 1 -5.17 42.42 1.65
C GLY A 1 -4.73 41.59 0.46
N SER A 2 -3.88 40.60 0.71
CA SER A 2 -3.37 39.73 -0.35
C SER A 2 -2.90 38.40 0.22
N SER A 3 -3.10 37.33 -0.55
CA SER A 3 -2.70 36.00 -0.13
C SER A 3 -2.49 35.09 -1.33
N GLY A 4 -1.86 33.94 -1.09
CA GLY A 4 -1.61 33.00 -2.16
C GLY A 4 -0.18 33.06 -2.68
N SER A 5 0.76 32.58 -1.87
CA SER A 5 2.16 32.60 -2.25
C SER A 5 2.52 31.38 -3.09
N SER A 6 2.94 31.63 -4.32
CA SER A 6 3.31 30.56 -5.24
C SER A 6 4.74 30.09 -4.99
N GLY A 7 4.93 28.79 -4.87
CA GLY A 7 6.24 28.24 -4.64
C GLY A 7 6.59 27.12 -5.60
N GLN A 8 7.49 26.23 -5.19
CA GLN A 8 7.91 25.12 -6.03
C GLN A 8 7.84 23.80 -5.25
N PRO A 9 6.62 23.27 -5.10
CA PRO A 9 6.39 22.01 -4.40
C PRO A 9 6.94 20.81 -5.15
N SER A 10 7.54 19.87 -4.42
CA SER A 10 8.12 18.68 -5.03
C SER A 10 7.02 17.79 -5.61
N PRO A 11 7.11 17.52 -6.92
CA PRO A 11 6.14 16.69 -7.64
C PRO A 11 6.22 15.23 -7.22
N PRO A 12 5.05 14.57 -7.11
CA PRO A 12 4.97 13.16 -6.72
C PRO A 12 5.49 12.23 -7.81
N GLN A 13 6.68 11.67 -7.58
CA GLN A 13 7.28 10.76 -8.54
C GLN A 13 6.72 9.36 -8.40
N ARG A 14 5.40 9.27 -8.23
CA ARG A 14 4.72 7.99 -8.08
C ARG A 14 5.34 7.18 -6.95
N PRO A 15 5.42 7.80 -5.76
CA PRO A 15 5.99 7.15 -4.57
C PRO A 15 5.11 6.04 -4.03
N ASN A 16 5.71 5.12 -3.28
CA ASN A 16 4.97 4.00 -2.71
C ASN A 16 5.56 3.60 -1.36
N ARG A 17 4.77 3.73 -0.30
CA ARG A 17 5.21 3.37 1.04
C ARG A 17 4.54 2.10 1.51
N CYS A 18 5.32 1.23 2.15
CA CYS A 18 4.79 -0.04 2.65
C CYS A 18 3.46 0.17 3.37
N THR A 19 2.58 -0.82 3.26
CA THR A 19 1.27 -0.74 3.90
C THR A 19 1.30 -1.38 5.28
N VAL A 20 2.47 -1.85 5.70
CA VAL A 20 2.63 -2.47 7.00
C VAL A 20 3.46 -1.60 7.94
N CYS A 21 4.59 -1.10 7.43
CA CYS A 21 5.47 -0.26 8.22
C CYS A 21 5.80 1.03 7.46
N ARG A 22 5.26 1.16 6.25
CA ARG A 22 5.50 2.33 5.43
C ARG A 22 6.99 2.67 5.38
N LYS A 23 7.80 1.70 4.99
CA LYS A 23 9.25 1.90 4.91
C LYS A 23 9.63 2.52 3.57
N ARG A 24 8.69 3.19 2.94
CA ARG A 24 8.92 3.83 1.65
C ARG A 24 9.61 2.87 0.68
N VAL A 25 9.00 1.70 0.49
CA VAL A 25 9.54 0.68 -0.40
C VAL A 25 9.89 1.28 -1.76
N GLY A 26 9.22 2.39 -2.11
CA GLY A 26 9.47 3.04 -3.38
C GLY A 26 8.53 2.55 -4.47
N LEU A 27 8.42 3.33 -5.54
CA LEU A 27 7.55 2.98 -6.66
C LEU A 27 7.52 1.47 -6.86
N THR A 28 8.68 0.89 -7.18
CA THR A 28 8.79 -0.55 -7.40
C THR A 28 8.20 -1.33 -6.23
N GLY A 29 8.94 -1.38 -5.12
CA GLY A 29 8.48 -2.10 -3.95
C GLY A 29 7.90 -3.46 -4.30
N PHE A 30 7.05 -3.98 -3.42
CA PHE A 30 6.43 -5.28 -3.63
C PHE A 30 4.91 -5.18 -3.56
N MET A 31 4.30 -4.78 -4.67
CA MET A 31 2.84 -4.64 -4.74
C MET A 31 2.16 -6.01 -4.69
N CYS A 32 1.34 -6.21 -3.67
CA CYS A 32 0.63 -7.48 -3.51
C CYS A 32 -0.54 -7.56 -4.50
N ARG A 33 -1.16 -8.74 -4.55
CA ARG A 33 -2.29 -8.96 -5.45
C ARG A 33 -3.52 -8.19 -4.98
N CYS A 34 -3.80 -8.28 -3.69
CA CYS A 34 -4.94 -7.58 -3.10
C CYS A 34 -5.06 -6.16 -3.64
N GLY A 35 -3.91 -5.55 -3.92
CA GLY A 35 -3.90 -4.20 -4.44
C GLY A 35 -3.20 -3.23 -3.50
N THR A 36 -2.20 -3.71 -2.78
CA THR A 36 -1.46 -2.89 -1.84
C THR A 36 0.04 -3.02 -2.06
N THR A 37 0.81 -2.19 -1.36
CA THR A 37 2.26 -2.22 -1.48
C THR A 37 2.92 -2.54 -0.14
N PHE A 38 3.83 -3.50 -0.15
CA PHE A 38 4.53 -3.91 1.07
C PHE A 38 6.04 -3.98 0.84
N CYS A 39 6.78 -4.27 1.89
CA CYS A 39 8.23 -4.36 1.81
C CYS A 39 8.67 -5.81 1.64
N GLY A 40 9.97 -6.00 1.40
CA GLY A 40 10.50 -7.34 1.23
C GLY A 40 10.19 -8.25 2.40
N SER A 41 10.01 -7.66 3.58
CA SER A 41 9.72 -8.42 4.78
C SER A 41 8.21 -8.64 4.92
N HIS A 42 7.43 -7.69 4.41
CA HIS A 42 5.98 -7.77 4.48
C HIS A 42 5.37 -7.95 3.09
N ARG A 43 6.18 -8.44 2.16
CA ARG A 43 5.73 -8.66 0.80
C ARG A 43 4.77 -9.83 0.71
N TYR A 44 4.97 -10.81 1.58
CA TYR A 44 4.12 -12.00 1.61
C TYR A 44 2.70 -11.63 2.05
N PRO A 45 1.71 -12.40 1.55
CA PRO A 45 0.30 -12.18 1.88
C PRO A 45 -0.02 -12.55 3.32
N GLU A 46 0.51 -13.68 3.77
CA GLU A 46 0.28 -14.14 5.14
C GLU A 46 0.76 -13.09 6.15
N VAL A 47 1.90 -12.48 5.86
CA VAL A 47 2.47 -11.47 6.75
C VAL A 47 1.48 -10.33 6.99
N HIS A 48 0.91 -9.81 5.91
CA HIS A 48 -0.05 -8.72 6.00
C HIS A 48 -1.48 -9.23 5.86
N GLY A 49 -1.72 -10.43 6.38
CA GLY A 49 -3.05 -11.03 6.30
C GLY A 49 -3.77 -10.66 5.02
N CYS A 50 -3.33 -11.23 3.89
CA CYS A 50 -3.94 -10.96 2.61
C CYS A 50 -5.40 -11.41 2.58
N THR A 51 -6.28 -10.52 2.12
CA THR A 51 -7.70 -10.83 2.04
C THR A 51 -8.17 -11.56 3.29
N PHE A 52 -7.68 -11.13 4.45
CA PHE A 52 -8.05 -11.75 5.71
C PHE A 52 -9.25 -11.05 6.33
N ASP A 53 -10.15 -11.84 6.92
CA ASP A 53 -11.35 -11.29 7.54
C ASP A 53 -11.68 -12.05 8.83
N PHE A 54 -11.71 -11.33 9.95
CA PHE A 54 -12.01 -11.92 11.24
C PHE A 54 -13.20 -12.87 11.14
N LYS A 55 -12.96 -14.14 11.43
CA LYS A 55 -14.02 -15.15 11.38
C LYS A 55 -14.94 -15.04 12.59
N SER A 56 -14.36 -15.23 13.77
CA SER A 56 -15.14 -15.15 15.01
C SER A 56 -16.14 -14.01 14.96
N ALA A 57 -17.41 -14.34 15.20
CA ALA A 57 -18.47 -13.33 15.18
C ALA A 57 -19.18 -13.26 16.53
N GLY A 58 -19.21 -12.07 17.11
CA GLY A 58 -19.86 -11.89 18.40
C GLY A 58 -21.22 -12.57 18.46
N SER A 59 -21.71 -12.79 19.68
CA SER A 59 -23.00 -13.44 19.87
C SER A 59 -23.81 -12.71 20.93
N GLY A 60 -25.08 -12.42 20.61
CA GLY A 60 -25.94 -11.72 21.55
C GLY A 60 -26.72 -10.61 20.89
N PRO A 61 -27.80 -10.97 20.17
CA PRO A 61 -28.66 -10.02 19.49
C PRO A 61 -29.47 -9.16 20.46
N SER A 62 -30.15 -9.81 21.39
CA SER A 62 -30.97 -9.11 22.37
C SER A 62 -32.20 -8.50 21.73
N SER A 63 -32.83 -9.26 20.83
CA SER A 63 -34.02 -8.79 20.14
C SER A 63 -35.07 -8.31 21.12
N GLY A 64 -35.48 -7.06 20.97
CA GLY A 64 -36.48 -6.49 21.86
C GLY A 64 -36.17 -5.05 22.24
ZN ZN B . 6.80 -3.05 5.79
ZN ZN C . -2.11 -9.09 -0.22
N GLY A 1 -4.91 42.75 13.35
CA GLY A 1 -5.39 41.49 13.89
C GLY A 1 -4.77 40.28 13.20
N SER A 2 -5.38 39.12 13.40
CA SER A 2 -4.88 37.89 12.79
C SER A 2 -5.84 37.39 11.72
N SER A 3 -5.37 37.39 10.46
CA SER A 3 -6.18 36.94 9.34
C SER A 3 -5.31 36.39 8.23
N GLY A 4 -5.94 35.81 7.22
CA GLY A 4 -5.21 35.25 6.10
C GLY A 4 -5.63 33.83 5.77
N SER A 5 -5.29 33.37 4.58
CA SER A 5 -5.64 32.03 4.14
C SER A 5 -4.45 31.07 4.30
N SER A 6 -4.76 29.80 4.53
CA SER A 6 -3.73 28.79 4.71
C SER A 6 -2.79 28.74 3.50
N GLY A 7 -1.69 28.02 3.64
CA GLY A 7 -0.73 27.90 2.55
C GLY A 7 -0.81 26.56 1.86
N GLN A 8 -1.09 26.59 0.55
CA GLN A 8 -1.20 25.36 -0.22
C GLN A 8 -0.12 24.35 0.19
N PRO A 9 -0.53 23.34 0.97
CA PRO A 9 0.38 22.29 1.45
C PRO A 9 0.87 21.38 0.33
N SER A 10 1.91 20.61 0.61
CA SER A 10 2.46 19.70 -0.38
C SER A 10 1.76 18.35 -0.34
N PRO A 11 1.06 18.00 -1.43
CA PRO A 11 0.33 16.74 -1.53
C PRO A 11 1.26 15.53 -1.64
N PRO A 12 0.71 14.34 -1.35
CA PRO A 12 1.47 13.09 -1.40
C PRO A 12 1.84 12.69 -2.83
N GLN A 13 3.12 12.87 -3.17
CA GLN A 13 3.60 12.52 -4.51
C GLN A 13 3.70 11.01 -4.68
N ARG A 14 2.55 10.36 -4.86
CA ARG A 14 2.50 8.92 -5.03
C ARG A 14 3.53 8.23 -4.13
N PRO A 15 3.48 8.56 -2.83
CA PRO A 15 4.39 7.99 -1.84
C PRO A 15 4.10 6.51 -1.57
N ASN A 16 4.90 5.64 -2.18
CA ASN A 16 4.74 4.20 -2.00
C ASN A 16 5.39 3.73 -0.71
N ARG A 17 4.64 3.81 0.39
CA ARG A 17 5.15 3.39 1.69
C ARG A 17 4.44 2.13 2.17
N CYS A 18 5.20 1.09 2.46
CA CYS A 18 4.64 -0.17 2.93
C CYS A 18 3.43 0.07 3.82
N THR A 19 2.32 -0.59 3.50
CA THR A 19 1.10 -0.45 4.28
C THR A 19 1.21 -1.13 5.63
N VAL A 20 2.39 -1.66 5.92
CA VAL A 20 2.63 -2.35 7.18
C VAL A 20 3.60 -1.56 8.06
N CYS A 21 4.70 -1.11 7.46
CA CYS A 21 5.70 -0.33 8.18
C CYS A 21 5.97 0.99 7.49
N ARG A 22 5.44 1.16 6.28
CA ARG A 22 5.61 2.38 5.52
C ARG A 22 7.10 2.70 5.34
N LYS A 23 7.84 1.74 4.81
CA LYS A 23 9.27 1.92 4.59
C LYS A 23 9.54 2.53 3.22
N ARG A 24 8.58 3.29 2.71
CA ARG A 24 8.72 3.92 1.41
C ARG A 24 9.31 2.95 0.38
N VAL A 25 8.96 1.68 0.52
CA VAL A 25 9.45 0.64 -0.38
C VAL A 25 9.59 1.19 -1.80
N GLY A 26 10.80 1.11 -2.33
CA GLY A 26 11.05 1.59 -3.68
C GLY A 26 9.85 1.41 -4.60
N LEU A 27 9.68 2.33 -5.55
CA LEU A 27 8.57 2.25 -6.49
C LEU A 27 8.21 0.81 -6.81
N THR A 28 9.20 0.05 -7.25
CA THR A 28 8.99 -1.36 -7.59
C THR A 28 8.36 -2.12 -6.43
N GLY A 29 8.96 -2.00 -5.25
CA GLY A 29 8.44 -2.67 -4.07
C GLY A 29 7.85 -4.04 -4.40
N PHE A 30 6.92 -4.49 -3.58
CA PHE A 30 6.27 -5.78 -3.78
C PHE A 30 4.76 -5.63 -3.85
N MET A 31 4.29 -4.80 -4.79
CA MET A 31 2.87 -4.57 -4.95
C MET A 31 2.10 -5.88 -4.99
N CYS A 32 1.50 -6.24 -3.86
CA CYS A 32 0.73 -7.47 -3.75
C CYS A 32 -0.39 -7.51 -4.78
N ARG A 33 -1.05 -8.66 -4.89
CA ARG A 33 -2.15 -8.83 -5.84
C ARG A 33 -3.38 -8.06 -5.38
N CYS A 34 -3.67 -8.12 -4.09
CA CYS A 34 -4.83 -7.43 -3.52
C CYS A 34 -4.87 -5.97 -3.98
N GLY A 35 -3.70 -5.39 -4.20
CA GLY A 35 -3.62 -4.02 -4.64
C GLY A 35 -2.94 -3.12 -3.62
N THR A 36 -1.88 -3.64 -2.99
CA THR A 36 -1.14 -2.88 -1.99
C THR A 36 0.36 -3.08 -2.16
N THR A 37 1.13 -2.14 -1.62
CA THR A 37 2.59 -2.21 -1.71
C THR A 37 3.21 -2.54 -0.35
N PHE A 38 4.06 -3.56 -0.32
CA PHE A 38 4.71 -3.96 0.92
C PHE A 38 6.21 -4.09 0.72
N CYS A 39 6.93 -4.35 1.81
CA CYS A 39 8.38 -4.49 1.76
C CYS A 39 8.78 -5.96 1.65
N GLY A 40 9.98 -6.21 1.13
CA GLY A 40 10.46 -7.57 1.00
C GLY A 40 10.21 -8.40 2.24
N SER A 41 10.04 -7.74 3.38
CA SER A 41 9.80 -8.43 4.64
C SER A 41 8.30 -8.63 4.86
N HIS A 42 7.50 -7.68 4.40
CA HIS A 42 6.05 -7.77 4.54
C HIS A 42 5.38 -7.99 3.20
N ARG A 43 6.12 -8.56 2.25
CA ARG A 43 5.60 -8.82 0.92
C ARG A 43 4.66 -10.02 0.93
N TYR A 44 4.87 -10.92 1.88
CA TYR A 44 4.05 -12.12 2.01
C TYR A 44 2.61 -11.75 2.36
N PRO A 45 1.65 -12.53 1.84
CA PRO A 45 0.22 -12.31 2.09
C PRO A 45 -0.17 -12.62 3.52
N GLU A 46 0.53 -13.58 4.12
CA GLU A 46 0.25 -13.97 5.51
C GLU A 46 0.67 -12.87 6.47
N VAL A 47 1.67 -12.10 6.09
CA VAL A 47 2.17 -11.01 6.93
C VAL A 47 1.14 -9.90 7.06
N HIS A 48 0.64 -9.44 5.92
CA HIS A 48 -0.37 -8.37 5.91
C HIS A 48 -1.78 -8.95 5.87
N GLY A 49 -1.87 -10.24 5.57
CA GLY A 49 -3.16 -10.89 5.50
C GLY A 49 -3.90 -10.60 4.21
N CYS A 50 -3.65 -11.42 3.20
CA CYS A 50 -4.30 -11.25 1.90
C CYS A 50 -5.70 -11.84 1.90
N THR A 51 -6.70 -10.96 1.95
CA THR A 51 -8.09 -11.39 1.96
C THR A 51 -8.89 -10.72 0.85
N PHE A 52 -8.95 -11.36 -0.31
CA PHE A 52 -9.67 -10.81 -1.46
C PHE A 52 -11.17 -10.76 -1.16
N ASP A 53 -11.71 -9.54 -1.14
CA ASP A 53 -13.13 -9.34 -0.88
C ASP A 53 -13.95 -9.41 -2.17
N PHE A 54 -15.08 -10.10 -2.10
CA PHE A 54 -15.95 -10.24 -3.27
C PHE A 54 -16.19 -8.90 -3.95
N LYS A 55 -15.77 -8.79 -5.20
CA LYS A 55 -15.95 -7.56 -5.97
C LYS A 55 -17.30 -6.93 -5.69
N SER A 56 -17.29 -5.69 -5.20
CA SER A 56 -18.52 -4.97 -4.88
C SER A 56 -18.82 -3.92 -5.94
N ALA A 57 -20.10 -3.61 -6.11
CA ALA A 57 -20.52 -2.61 -7.09
C ALA A 57 -20.15 -1.21 -6.63
N GLY A 58 -18.97 -0.75 -7.03
CA GLY A 58 -18.51 0.57 -6.65
C GLY A 58 -17.01 0.68 -6.58
N SER A 59 -16.36 0.60 -7.74
CA SER A 59 -14.91 0.68 -7.81
C SER A 59 -14.45 2.12 -8.05
N GLY A 60 -15.28 2.88 -8.77
CA GLY A 60 -14.94 4.26 -9.06
C GLY A 60 -14.75 4.51 -10.54
N PRO A 61 -14.20 5.68 -10.88
CA PRO A 61 -13.95 6.06 -12.27
C PRO A 61 -12.85 5.24 -12.93
N SER A 62 -12.51 5.57 -14.16
CA SER A 62 -11.48 4.86 -14.90
C SER A 62 -10.88 5.74 -15.99
N SER A 63 -9.57 5.96 -15.91
CA SER A 63 -8.87 6.78 -16.90
C SER A 63 -7.38 6.48 -16.90
N GLY A 64 -6.68 6.98 -17.91
CA GLY A 64 -5.25 6.77 -18.02
C GLY A 64 -4.81 6.50 -19.44
ZN ZN B . 6.82 -3.31 5.68
ZN ZN C . -2.17 -9.23 -0.54
N GLY A 1 9.81 42.78 2.24
CA GLY A 1 10.55 42.52 1.02
C GLY A 1 11.65 41.50 1.22
N SER A 2 11.28 40.22 1.20
CA SER A 2 12.24 39.14 1.39
C SER A 2 12.00 38.02 0.37
N SER A 3 13.07 37.35 -0.03
CA SER A 3 12.97 36.26 -1.00
C SER A 3 14.25 35.42 -0.99
N GLY A 4 14.10 34.11 -1.20
CA GLY A 4 15.23 33.22 -1.21
C GLY A 4 14.89 31.82 -0.74
N SER A 5 14.30 31.03 -1.64
CA SER A 5 13.90 29.67 -1.31
C SER A 5 14.42 28.69 -2.36
N SER A 6 14.85 27.51 -1.90
CA SER A 6 15.37 26.49 -2.80
C SER A 6 14.23 25.73 -3.48
N GLY A 7 13.31 25.21 -2.67
CA GLY A 7 12.18 24.47 -3.21
C GLY A 7 12.60 23.50 -4.29
N GLN A 8 13.79 22.92 -4.16
CA GLN A 8 14.29 21.97 -5.13
C GLN A 8 13.46 20.70 -5.14
N PRO A 9 13.27 20.11 -3.95
CA PRO A 9 12.49 18.87 -3.80
C PRO A 9 11.00 19.10 -4.03
N SER A 10 10.33 18.07 -4.53
CA SER A 10 8.90 18.16 -4.81
C SER A 10 8.10 17.43 -3.74
N PRO A 11 6.82 17.82 -3.58
CA PRO A 11 5.92 17.21 -2.60
C PRO A 11 5.54 15.78 -2.96
N PRO A 12 5.13 15.01 -1.95
CA PRO A 12 4.73 13.60 -2.14
C PRO A 12 3.41 13.47 -2.90
N GLN A 13 3.52 13.39 -4.23
CA GLN A 13 2.33 13.26 -5.07
C GLN A 13 1.65 11.90 -4.86
N ARG A 14 2.26 10.86 -5.42
CA ARG A 14 1.72 9.51 -5.30
C ARG A 14 2.81 8.51 -4.96
N PRO A 15 3.54 8.79 -3.86
CA PRO A 15 4.63 7.92 -3.40
C PRO A 15 4.13 6.59 -2.86
N ASN A 16 4.99 5.57 -2.90
CA ASN A 16 4.63 4.25 -2.41
C ASN A 16 5.27 3.98 -1.04
N ARG A 17 4.46 3.55 -0.09
CA ARG A 17 4.94 3.26 1.25
C ARG A 17 4.29 1.99 1.80
N CYS A 18 5.11 1.11 2.38
CA CYS A 18 4.61 -0.14 2.95
C CYS A 18 3.43 0.11 3.87
N THR A 19 2.30 -0.51 3.56
CA THR A 19 1.09 -0.36 4.35
C THR A 19 1.22 -1.08 5.69
N VAL A 20 2.40 -1.63 5.95
CA VAL A 20 2.66 -2.35 7.18
C VAL A 20 3.64 -1.59 8.07
N CYS A 21 4.75 -1.15 7.48
CA CYS A 21 5.77 -0.41 8.21
C CYS A 21 6.03 0.94 7.56
N ARG A 22 5.45 1.15 6.38
CA ARG A 22 5.61 2.40 5.66
C ARG A 22 7.09 2.72 5.46
N LYS A 23 7.84 1.75 4.91
CA LYS A 23 9.26 1.93 4.67
C LYS A 23 9.51 2.58 3.31
N ARG A 24 8.51 3.29 2.81
CA ARG A 24 8.62 3.96 1.52
C ARG A 24 9.37 3.08 0.52
N VAL A 25 8.97 1.82 0.43
CA VAL A 25 9.60 0.88 -0.49
C VAL A 25 9.93 1.55 -1.81
N GLY A 26 9.15 2.55 -2.18
CA GLY A 26 9.37 3.26 -3.42
C GLY A 26 9.68 2.32 -4.57
N LEU A 27 10.73 2.62 -5.31
CA LEU A 27 11.13 1.79 -6.46
C LEU A 27 11.36 0.34 -6.02
N THR A 28 12.01 0.17 -4.88
CA THR A 28 12.29 -1.16 -4.35
C THR A 28 11.18 -1.63 -3.43
N GLY A 29 10.19 -2.32 -4.01
CA GLY A 29 9.08 -2.83 -3.22
C GLY A 29 8.36 -3.97 -3.90
N PHE A 30 7.16 -4.29 -3.41
CA PHE A 30 6.36 -5.36 -3.98
C PHE A 30 4.87 -5.07 -3.84
N MET A 31 4.18 -4.97 -4.97
CA MET A 31 2.75 -4.68 -4.98
C MET A 31 1.94 -5.98 -4.94
N CYS A 32 1.48 -6.33 -3.75
CA CYS A 32 0.69 -7.55 -3.57
C CYS A 32 -0.42 -7.64 -4.60
N ARG A 33 -1.07 -8.79 -4.69
CA ARG A 33 -2.15 -9.01 -5.64
C ARG A 33 -3.42 -8.30 -5.18
N CYS A 34 -3.67 -8.30 -3.88
CA CYS A 34 -4.85 -7.66 -3.32
C CYS A 34 -4.98 -6.22 -3.83
N GLY A 35 -3.84 -5.59 -4.08
CA GLY A 35 -3.84 -4.21 -4.57
C GLY A 35 -3.13 -3.27 -3.63
N THR A 36 -2.09 -3.76 -2.96
CA THR A 36 -1.33 -2.95 -2.02
C THR A 36 0.17 -3.13 -2.23
N THR A 37 0.96 -2.34 -1.51
CA THR A 37 2.41 -2.40 -1.63
C THR A 37 3.05 -2.72 -0.28
N PHE A 38 4.05 -3.60 -0.29
CA PHE A 38 4.75 -3.99 0.93
C PHE A 38 6.24 -4.15 0.67
N CYS A 39 6.99 -4.38 1.74
CA CYS A 39 8.45 -4.56 1.63
C CYS A 39 8.80 -6.03 1.59
N GLY A 40 10.06 -6.32 1.27
CA GLY A 40 10.51 -7.70 1.21
C GLY A 40 10.22 -8.47 2.47
N SER A 41 10.03 -7.75 3.58
CA SER A 41 9.75 -8.38 4.86
C SER A 41 8.24 -8.58 5.04
N HIS A 42 7.46 -7.69 4.42
CA HIS A 42 6.00 -7.77 4.52
C HIS A 42 5.38 -7.97 3.15
N ARG A 43 6.16 -8.53 2.23
CA ARG A 43 5.68 -8.77 0.86
C ARG A 43 4.70 -9.94 0.83
N TYR A 44 4.90 -10.90 1.72
CA TYR A 44 4.03 -12.07 1.80
C TYR A 44 2.61 -11.67 2.17
N PRO A 45 1.63 -12.43 1.67
CA PRO A 45 0.21 -12.18 1.94
C PRO A 45 -0.16 -12.47 3.39
N GLU A 46 0.31 -13.61 3.89
CA GLU A 46 0.01 -14.01 5.27
C GLU A 46 0.48 -12.94 6.25
N VAL A 47 1.66 -12.37 5.99
CA VAL A 47 2.21 -11.33 6.85
C VAL A 47 1.22 -10.18 7.05
N HIS A 48 0.68 -9.69 5.94
CA HIS A 48 -0.28 -8.59 5.99
C HIS A 48 -1.71 -9.11 5.82
N GLY A 49 -1.96 -10.29 6.37
CA GLY A 49 -3.29 -10.88 6.27
C GLY A 49 -3.99 -10.53 4.97
N CYS A 50 -3.46 -11.03 3.86
CA CYS A 50 -4.03 -10.76 2.55
C CYS A 50 -5.53 -11.01 2.55
N THR A 51 -6.22 -10.40 1.59
CA THR A 51 -7.68 -10.55 1.49
C THR A 51 -8.10 -10.75 0.03
N PHE A 52 -8.47 -11.98 -0.31
CA PHE A 52 -8.90 -12.30 -1.66
C PHE A 52 -10.40 -12.57 -1.71
N ASP A 53 -11.13 -11.69 -2.39
CA ASP A 53 -12.58 -11.83 -2.51
C ASP A 53 -12.95 -13.25 -2.94
N PHE A 54 -13.83 -13.88 -2.17
CA PHE A 54 -14.26 -15.23 -2.47
C PHE A 54 -15.61 -15.23 -3.19
N LYS A 55 -15.73 -16.07 -4.22
CA LYS A 55 -16.96 -16.15 -4.99
C LYS A 55 -18.09 -16.74 -4.16
N SER A 56 -19.28 -16.81 -4.75
CA SER A 56 -20.44 -17.35 -4.05
C SER A 56 -20.96 -18.60 -4.75
N ALA A 57 -20.88 -19.74 -4.06
CA ALA A 57 -21.34 -21.01 -4.61
C ALA A 57 -21.94 -21.89 -3.52
N GLY A 58 -23.03 -22.58 -3.85
CA GLY A 58 -23.68 -23.45 -2.90
C GLY A 58 -23.00 -24.81 -2.81
N SER A 59 -23.08 -25.44 -1.64
CA SER A 59 -22.48 -26.74 -1.43
C SER A 59 -20.95 -26.65 -1.50
N GLY A 60 -20.40 -25.61 -0.88
CA GLY A 60 -18.96 -25.43 -0.86
C GLY A 60 -18.37 -25.50 -2.26
N PRO A 61 -17.02 -25.40 -2.33
CA PRO A 61 -16.30 -25.45 -3.61
C PRO A 61 -16.34 -26.84 -4.24
N SER A 62 -15.99 -27.86 -3.46
CA SER A 62 -15.98 -29.23 -3.94
C SER A 62 -16.95 -30.10 -3.14
N SER A 63 -17.07 -31.36 -3.54
CA SER A 63 -17.97 -32.29 -2.87
C SER A 63 -17.35 -32.80 -1.57
N GLY A 64 -17.76 -32.22 -0.45
CA GLY A 64 -17.24 -32.63 0.84
C GLY A 64 -18.33 -32.78 1.89
ZN ZN B . 7.04 -3.44 5.55
ZN ZN C . -2.26 -9.10 -0.22
N GLY A 1 -2.83 24.79 21.18
CA GLY A 1 -2.29 25.97 20.52
C GLY A 1 -2.35 25.86 19.00
N SER A 2 -3.17 26.68 18.38
CA SER A 2 -3.32 26.67 16.93
C SER A 2 -2.64 27.89 16.31
N SER A 3 -1.38 27.71 15.90
CA SER A 3 -0.62 28.80 15.30
C SER A 3 0.34 28.26 14.23
N GLY A 4 0.79 29.15 13.35
CA GLY A 4 1.71 28.74 12.30
C GLY A 4 1.72 29.71 11.14
N SER A 5 1.68 29.18 9.92
CA SER A 5 1.69 30.00 8.72
C SER A 5 1.30 29.18 7.49
N SER A 6 0.59 29.82 6.56
CA SER A 6 0.16 29.14 5.35
C SER A 6 1.28 28.31 4.75
N GLY A 7 1.21 26.99 4.93
CA GLY A 7 2.22 26.10 4.41
C GLY A 7 1.65 25.02 3.53
N GLN A 8 2.51 24.36 2.75
CA GLN A 8 2.08 23.29 1.86
C GLN A 8 3.24 22.38 1.52
N PRO A 9 3.18 21.13 2.00
CA PRO A 9 4.22 20.13 1.76
C PRO A 9 4.23 19.66 0.31
N SER A 10 5.12 18.72 0.01
CA SER A 10 5.24 18.18 -1.35
C SER A 10 4.07 17.25 -1.68
N PRO A 11 3.49 17.43 -2.87
CA PRO A 11 2.37 16.62 -3.33
C PRO A 11 2.77 15.17 -3.62
N PRO A 12 2.07 14.22 -2.98
CA PRO A 12 2.34 12.79 -3.17
C PRO A 12 1.94 12.30 -4.55
N GLN A 13 2.85 12.43 -5.51
CA GLN A 13 2.59 12.01 -6.88
C GLN A 13 2.42 10.49 -6.95
N ARG A 14 3.54 9.78 -6.84
CA ARG A 14 3.52 8.32 -6.89
C ARG A 14 4.39 7.72 -5.79
N PRO A 15 4.10 8.11 -4.54
CA PRO A 15 4.85 7.63 -3.37
C PRO A 15 4.57 6.15 -3.07
N ASN A 16 5.63 5.42 -2.73
CA ASN A 16 5.51 4.00 -2.43
C ASN A 16 5.90 3.71 -0.99
N ARG A 17 4.90 3.60 -0.12
CA ARG A 17 5.14 3.32 1.29
C ARG A 17 4.49 2.02 1.72
N CYS A 18 5.24 1.19 2.44
CA CYS A 18 4.73 -0.10 2.89
C CYS A 18 3.47 0.09 3.74
N THR A 19 2.40 -0.58 3.35
CA THR A 19 1.13 -0.50 4.07
C THR A 19 1.20 -1.26 5.39
N VAL A 20 2.40 -1.70 5.76
CA VAL A 20 2.59 -2.45 6.99
C VAL A 20 3.55 -1.71 7.93
N CYS A 21 4.65 -1.23 7.37
CA CYS A 21 5.65 -0.50 8.15
C CYS A 21 5.97 0.84 7.52
N ARG A 22 5.39 1.09 6.34
CA ARG A 22 5.61 2.34 5.63
C ARG A 22 7.10 2.66 5.54
N LYS A 23 7.87 1.72 5.00
CA LYS A 23 9.31 1.90 4.86
C LYS A 23 9.64 2.49 3.49
N ARG A 24 8.74 3.32 2.97
CA ARG A 24 8.95 3.96 1.67
C ARG A 24 9.50 2.95 0.66
N VAL A 25 9.01 1.72 0.75
CA VAL A 25 9.44 0.66 -0.16
C VAL A 25 9.64 1.20 -1.58
N GLY A 26 10.85 1.06 -2.10
CA GLY A 26 11.15 1.53 -3.44
C GLY A 26 11.90 0.51 -4.26
N LEU A 27 13.22 0.56 -4.22
CA LEU A 27 14.06 -0.37 -4.97
C LEU A 27 13.49 -1.79 -4.90
N THR A 28 13.07 -2.20 -3.71
CA THR A 28 12.51 -3.52 -3.50
C THR A 28 11.07 -3.44 -3.00
N GLY A 29 10.25 -2.65 -3.69
CA GLY A 29 8.87 -2.51 -3.30
C GLY A 29 7.96 -3.47 -4.03
N PHE A 30 7.48 -4.49 -3.31
CA PHE A 30 6.59 -5.49 -3.90
C PHE A 30 5.14 -5.03 -3.83
N MET A 31 4.34 -5.45 -4.81
CA MET A 31 2.94 -5.10 -4.85
C MET A 31 2.05 -6.34 -4.78
N CYS A 32 1.46 -6.57 -3.60
CA CYS A 32 0.59 -7.72 -3.40
C CYS A 32 -0.50 -7.77 -4.46
N ARG A 33 -1.21 -8.89 -4.51
CA ARG A 33 -2.28 -9.07 -5.48
C ARG A 33 -3.50 -8.25 -5.10
N CYS A 34 -3.82 -8.24 -3.80
CA CYS A 34 -4.97 -7.49 -3.30
C CYS A 34 -5.01 -6.09 -3.89
N GLY A 35 -3.83 -5.49 -4.08
CA GLY A 35 -3.76 -4.16 -4.64
C GLY A 35 -3.07 -3.17 -3.72
N THR A 36 -2.01 -3.64 -3.06
CA THR A 36 -1.26 -2.79 -2.14
C THR A 36 0.24 -2.99 -2.32
N THR A 37 1.03 -2.17 -1.62
CA THR A 37 2.49 -2.25 -1.71
C THR A 37 3.10 -2.57 -0.35
N PHE A 38 4.06 -3.48 -0.34
CA PHE A 38 4.72 -3.88 0.90
C PHE A 38 6.23 -4.01 0.68
N CYS A 39 6.96 -4.26 1.77
CA CYS A 39 8.40 -4.40 1.71
C CYS A 39 8.79 -5.86 1.49
N GLY A 40 10.09 -6.11 1.32
CA GLY A 40 10.57 -7.46 1.10
C GLY A 40 10.29 -8.37 2.28
N SER A 41 10.06 -7.77 3.45
CA SER A 41 9.79 -8.54 4.66
C SER A 41 8.29 -8.70 4.87
N HIS A 42 7.52 -7.75 4.33
CA HIS A 42 6.07 -7.79 4.46
C HIS A 42 5.40 -7.96 3.09
N ARG A 43 6.15 -8.51 2.14
CA ARG A 43 5.63 -8.73 0.79
C ARG A 43 4.61 -9.86 0.78
N TYR A 44 4.81 -10.84 1.64
CA TYR A 44 3.91 -11.99 1.72
C TYR A 44 2.53 -11.56 2.23
N PRO A 45 1.50 -12.29 1.79
CA PRO A 45 0.11 -12.01 2.17
C PRO A 45 -0.16 -12.34 3.64
N GLU A 46 0.36 -13.48 4.09
CA GLU A 46 0.17 -13.91 5.47
C GLU A 46 0.68 -12.86 6.44
N VAL A 47 1.79 -12.20 6.08
CA VAL A 47 2.37 -11.17 6.92
C VAL A 47 1.35 -10.06 7.22
N HIS A 48 0.74 -9.53 6.18
CA HIS A 48 -0.26 -8.47 6.33
C HIS A 48 -1.66 -9.04 6.25
N GLY A 49 -1.86 -10.22 6.81
CA GLY A 49 -3.18 -10.85 6.78
C GLY A 49 -3.96 -10.49 5.55
N CYS A 50 -3.44 -10.87 4.38
CA CYS A 50 -4.11 -10.58 3.12
C CYS A 50 -5.62 -10.77 3.24
N THR A 51 -6.37 -9.83 2.69
CA THR A 51 -7.83 -9.89 2.74
C THR A 51 -8.37 -10.82 1.65
N PHE A 52 -7.71 -11.95 1.47
CA PHE A 52 -8.12 -12.94 0.47
C PHE A 52 -9.00 -14.01 1.09
N ASP A 53 -10.17 -14.22 0.51
CA ASP A 53 -11.10 -15.23 1.00
C ASP A 53 -11.89 -15.85 -0.14
N PHE A 54 -12.08 -17.17 -0.08
CA PHE A 54 -12.83 -17.89 -1.11
C PHE A 54 -14.31 -17.94 -0.78
N LYS A 55 -15.12 -18.30 -1.77
CA LYS A 55 -16.57 -18.39 -1.58
C LYS A 55 -16.90 -19.11 -0.27
N SER A 56 -17.26 -18.33 0.74
CA SER A 56 -17.60 -18.89 2.05
C SER A 56 -18.27 -17.84 2.93
N ALA A 57 -18.73 -18.27 4.10
CA ALA A 57 -19.40 -17.37 5.04
C ALA A 57 -18.39 -16.77 6.02
N GLY A 58 -17.78 -15.66 5.65
CA GLY A 58 -16.81 -15.01 6.50
C GLY A 58 -17.43 -14.44 7.76
N SER A 59 -17.08 -13.20 8.09
CA SER A 59 -17.62 -12.54 9.27
C SER A 59 -18.79 -11.64 8.92
N GLY A 60 -19.97 -11.99 9.43
CA GLY A 60 -21.16 -11.21 9.15
C GLY A 60 -21.14 -9.86 9.85
N PRO A 61 -21.17 -9.90 11.19
CA PRO A 61 -21.16 -8.68 12.01
C PRO A 61 -19.82 -7.94 11.95
N SER A 62 -19.88 -6.64 11.68
CA SER A 62 -18.67 -5.83 11.59
C SER A 62 -18.98 -4.37 11.89
N SER A 63 -17.98 -3.64 12.37
CA SER A 63 -18.13 -2.23 12.69
C SER A 63 -17.70 -1.34 11.53
N GLY A 64 -17.94 -0.05 11.67
CA GLY A 64 -17.56 0.89 10.61
C GLY A 64 -16.70 2.03 11.12
ZN ZN B . 6.86 -3.44 5.68
ZN ZN C . -2.46 -9.08 0.10
#